data_8XSU
#
_entry.id   8XSU
#
_cell.length_a   74.149
_cell.length_b   74.149
_cell.length_c   350.306
_cell.angle_alpha   90.000
_cell.angle_beta   90.000
_cell.angle_gamma   120.000
#
_symmetry.space_group_name_H-M   'P 65'
#
loop_
_entity.id
_entity.type
_entity.pdbx_description
1 polymer 'Acetylcholine-binding protein'
2 polymer 'Acetylcholine-binding protein'
3 non-polymer '2-methyl-1-nitro-3-[(tetrahydro-3-furanyl) methyl] guanidine'
4 non-polymer 2-acetamido-2-deoxy-beta-D-glucopyranose
5 water water
#
loop_
_entity_poly.entity_id
_entity_poly.type
_entity_poly.pdbx_seq_one_letter_code
_entity_poly.pdbx_strand_id
1 'polypeptide(L)'
;SLDRADILYNIRQTSRPDVIPTQRDRPVAVSVSLKFINILEVNEITNEVDVVFWQRTTWSDRTLAWNSSHSPDQVSVPIS
SLWVPDLAAYNAISKPEVLTPQLARVVSDGEVLYMPSIRQRFSCDVSGVDTESGATCRIKIGSWTHHSREISVDPTTENS
DDSEYFSQYSRFEILDVTQKKNSVTYSCCPEAYEDVEVSLNFRKKGRSEI
;
A,B,C,E
2 'polypeptide(L)'
;LDRADILYNIRQTSRPDVIPTQRDRPVAVSVSLKFINILEVNEITNEVDVVFWQRTTWSDRTLAWNSSHSPDQVSVPISS
LWVPDLAAYNAISKPEVLTPQLARVVSDGEVLYMPSIRQRFSCDVSGVDTESGATCRIKIGSWTHHSREISVDPTTENSD
DSEYFSQYSRFEILDVTQKKNSVTYSCCPEAYEDVEVSLNFRKKGR
;
D
#
loop_
_chem_comp.id
_chem_comp.type
_chem_comp.name
_chem_comp.formula
A1LW0 non-polymer '2-methyl-1-nitro-3-[(tetrahydro-3-furanyl) methyl] guanidine' 'C7 H14 N4 O3'
NAG D-saccharide, beta linking 2-acetamido-2-deoxy-beta-D-glucopyranose 'C8 H15 N O6'
#
# COMPACT_ATOMS: atom_id res chain seq x y z
N SER A 1 -29.53 -26.23 4.94
CA SER A 1 -28.62 -27.25 5.50
C SER A 1 -27.19 -27.01 4.99
N LEU A 2 -26.58 -25.90 5.44
CA LEU A 2 -25.23 -25.52 5.01
C LEU A 2 -24.19 -26.40 5.71
N ASP A 3 -23.06 -26.65 5.03
CA ASP A 3 -22.03 -27.53 5.57
C ASP A 3 -20.72 -26.79 5.71
N ARG A 4 -20.04 -26.43 4.61
CA ARG A 4 -18.83 -25.61 4.73
C ARG A 4 -19.16 -24.24 5.31
N ALA A 5 -20.40 -23.76 5.13
CA ALA A 5 -20.84 -22.50 5.69
C ALA A 5 -20.83 -22.55 7.22
N ASP A 6 -21.46 -23.62 7.75
CA ASP A 6 -21.50 -23.89 9.18
C ASP A 6 -20.09 -23.98 9.73
N ILE A 7 -19.19 -24.68 9.04
CA ILE A 7 -17.83 -24.86 9.50
C ILE A 7 -17.18 -23.49 9.66
N LEU A 8 -17.38 -22.61 8.68
CA LEU A 8 -16.69 -21.33 8.71
C LEU A 8 -17.25 -20.46 9.83
N TYR A 9 -18.59 -20.43 9.92
CA TYR A 9 -19.28 -19.67 10.96
C TYR A 9 -18.78 -20.11 12.35
N ASN A 10 -18.64 -21.42 12.57
CA ASN A 10 -18.18 -21.93 13.86
C ASN A 10 -16.73 -21.54 14.11
N ILE A 11 -15.89 -21.54 13.06
CA ILE A 11 -14.51 -21.12 13.22
C ILE A 11 -14.48 -19.67 13.68
N ARG A 12 -15.24 -18.78 13.01
CA ARG A 12 -15.33 -17.38 13.39
C ARG A 12 -15.72 -17.22 14.86
N GLN A 13 -16.73 -17.96 15.31
CA GLN A 13 -17.28 -17.82 16.65
C GLN A 13 -16.26 -18.22 17.73
N THR A 14 -15.45 -19.24 17.46
CA THR A 14 -14.58 -19.80 18.50
C THR A 14 -13.11 -19.44 18.26
N SER A 15 -12.73 -19.01 17.06
CA SER A 15 -11.34 -18.69 16.77
C SER A 15 -11.01 -17.31 17.31
N ARG A 16 -9.79 -17.18 17.84
CA ARG A 16 -9.30 -15.95 18.41
C ARG A 16 -7.97 -15.63 17.74
N PRO A 17 -7.97 -14.83 16.65
CA PRO A 17 -6.75 -14.57 15.89
C PRO A 17 -5.58 -14.00 16.70
N ASP A 18 -5.87 -13.41 17.84
CA ASP A 18 -4.88 -12.71 18.63
C ASP A 18 -4.53 -13.50 19.88
N VAL A 19 -4.97 -14.76 19.96
CA VAL A 19 -4.72 -15.62 21.12
C VAL A 19 -3.98 -16.87 20.69
N ILE A 20 -2.75 -17.02 21.17
CA ILE A 20 -1.96 -18.19 20.86
C ILE A 20 -2.66 -19.43 21.43
N PRO A 21 -2.88 -20.48 20.61
CA PRO A 21 -3.67 -21.64 21.04
C PRO A 21 -2.90 -22.73 21.77
N THR A 22 -2.31 -22.36 22.92
CA THR A 22 -1.56 -23.33 23.72
C THR A 22 -2.52 -24.36 24.28
N GLN A 23 -2.14 -25.64 24.15
CA GLN A 23 -2.78 -26.73 24.87
C GLN A 23 -2.01 -26.92 26.18
N ARG A 24 -2.73 -26.94 27.30
CA ARG A 24 -2.12 -26.90 28.62
C ARG A 24 -1.26 -25.62 28.71
N ASP A 25 -0.08 -25.72 29.31
CA ASP A 25 0.89 -24.64 29.25
C ASP A 25 2.09 -25.08 28.42
N ARG A 26 1.83 -25.83 27.35
CA ARG A 26 2.88 -26.33 26.48
C ARG A 26 3.01 -25.37 25.30
N PRO A 27 4.22 -25.24 24.70
CA PRO A 27 4.40 -24.43 23.51
C PRO A 27 3.63 -25.00 22.32
N VAL A 28 3.27 -24.10 21.39
CA VAL A 28 2.69 -24.52 20.13
C VAL A 28 3.83 -24.94 19.23
N ALA A 29 3.72 -26.15 18.66
CA ALA A 29 4.75 -26.69 17.81
C ALA A 29 4.48 -26.25 16.37
N VAL A 30 5.22 -25.24 15.93
CA VAL A 30 5.08 -24.72 14.58
C VAL A 30 6.19 -25.37 13.75
N SER A 31 5.79 -26.04 12.65
CA SER A 31 6.72 -26.58 11.68
C SER A 31 6.89 -25.58 10.53
N VAL A 32 8.15 -25.30 10.16
CA VAL A 32 8.49 -24.30 9.16
C VAL A 32 9.49 -24.91 8.18
N SER A 33 9.18 -24.79 6.89
CA SER A 33 9.99 -25.39 5.86
C SER A 33 9.89 -24.57 4.57
N LEU A 34 11.03 -24.15 4.01
CA LEU A 34 11.06 -23.38 2.77
C LEU A 34 11.28 -24.35 1.60
N LYS A 35 10.48 -24.21 0.54
CA LYS A 35 10.80 -24.74 -0.77
C LYS A 35 11.12 -23.57 -1.72
N PHE A 36 12.36 -23.55 -2.23
CA PHE A 36 12.84 -22.43 -3.03
C PHE A 36 12.34 -22.57 -4.46
N ILE A 37 11.81 -21.48 -5.00
CA ILE A 37 11.17 -21.47 -6.30
C ILE A 37 12.03 -20.68 -7.28
N ASN A 38 12.67 -19.61 -6.80
CA ASN A 38 13.44 -18.77 -7.68
C ASN A 38 14.46 -17.99 -6.87
N ILE A 39 15.57 -17.67 -7.51
CA ILE A 39 16.53 -16.72 -7.02
C ILE A 39 16.66 -15.65 -8.10
N LEU A 40 16.27 -14.43 -7.74
CA LEU A 40 15.92 -13.41 -8.73
C LEU A 40 17.05 -12.43 -8.93
N GLU A 41 17.68 -12.05 -7.84
CA GLU A 41 18.65 -10.97 -7.90
C GLU A 41 19.67 -11.25 -6.83
N VAL A 42 20.93 -11.10 -7.21
CA VAL A 42 22.03 -11.47 -6.36
C VAL A 42 23.07 -10.38 -6.53
N ASN A 43 23.66 -9.99 -5.41
CA ASN A 43 24.66 -8.94 -5.41
C ASN A 43 25.80 -9.37 -4.49
N GLU A 44 26.93 -9.75 -5.09
CA GLU A 44 28.07 -10.23 -4.34
C GLU A 44 28.72 -9.10 -3.54
N ILE A 45 28.53 -7.86 -4.01
CA ILE A 45 29.14 -6.69 -3.38
C ILE A 45 28.36 -6.27 -2.14
N THR A 46 27.03 -6.18 -2.25
CA THR A 46 26.19 -5.73 -1.14
C THR A 46 25.81 -6.89 -0.22
N ASN A 47 26.07 -8.12 -0.63
CA ASN A 47 25.62 -9.31 0.06
C ASN A 47 24.11 -9.26 0.28
N GLU A 48 23.38 -9.22 -0.83
CA GLU A 48 21.93 -9.22 -0.81
C GLU A 48 21.44 -10.17 -1.90
N VAL A 49 20.38 -10.91 -1.56
CA VAL A 49 19.71 -11.79 -2.52
C VAL A 49 18.22 -11.55 -2.40
N ASP A 50 17.55 -11.75 -3.53
CA ASP A 50 16.12 -11.61 -3.65
C ASP A 50 15.64 -13.00 -4.05
N VAL A 51 14.82 -13.61 -3.21
CA VAL A 51 14.44 -15.01 -3.34
C VAL A 51 12.93 -15.17 -3.27
N VAL A 52 12.42 -16.20 -3.95
CA VAL A 52 11.03 -16.58 -3.91
C VAL A 52 10.95 -17.99 -3.37
N PHE A 53 10.12 -18.20 -2.35
CA PHE A 53 10.03 -19.49 -1.71
C PHE A 53 8.63 -19.72 -1.16
N TRP A 54 8.19 -20.98 -1.16
CA TRP A 54 7.00 -21.40 -0.46
C TRP A 54 7.34 -21.68 0.99
N GLN A 55 6.67 -20.99 1.92
CA GLN A 55 6.97 -21.14 3.33
C GLN A 55 5.92 -22.03 3.98
N ARG A 56 6.13 -23.34 3.92
CA ARG A 56 5.19 -24.29 4.46
C ARG A 56 5.15 -24.15 5.97
N THR A 57 3.98 -23.77 6.52
CA THR A 57 3.82 -23.52 7.94
C THR A 57 2.68 -24.40 8.47
N THR A 58 2.96 -25.11 9.56
CA THR A 58 2.07 -26.14 10.09
C THR A 58 2.00 -25.99 11.60
N TRP A 59 0.78 -26.03 12.15
CA TRP A 59 0.60 -26.04 13.59
C TRP A 59 -0.80 -26.56 13.92
N SER A 60 -1.06 -26.73 15.21
CA SER A 60 -2.31 -27.26 15.72
C SER A 60 -3.07 -26.18 16.49
N ASP A 61 -4.35 -26.02 16.19
CA ASP A 61 -5.24 -25.17 16.97
C ASP A 61 -6.53 -25.93 17.26
N ARG A 62 -6.64 -26.52 18.45
CA ARG A 62 -7.75 -27.41 18.75
C ARG A 62 -9.06 -26.65 18.94
N THR A 63 -9.02 -25.31 19.09
CA THR A 63 -10.25 -24.53 19.18
C THR A 63 -10.98 -24.54 17.84
N LEU A 64 -10.31 -24.86 16.74
CA LEU A 64 -10.88 -24.81 15.41
C LEU A 64 -11.64 -26.08 15.10
N ALA A 65 -11.40 -27.15 15.87
CA ALA A 65 -11.88 -28.47 15.54
C ALA A 65 -13.40 -28.49 15.43
N TRP A 66 -13.90 -29.34 14.52
CA TRP A 66 -15.32 -29.63 14.39
C TRP A 66 -15.49 -31.13 14.15
N ASN A 67 -16.77 -31.53 14.06
CA ASN A 67 -17.15 -32.91 13.89
C ASN A 67 -17.50 -33.12 12.42
N SER A 68 -16.73 -34.00 11.75
CA SER A 68 -16.73 -34.14 10.30
C SER A 68 -17.13 -35.56 9.89
N SER A 69 -18.01 -36.18 10.67
CA SER A 69 -18.64 -37.43 10.28
C SER A 69 -19.62 -37.18 9.14
N HIS A 70 -20.51 -36.18 9.31
CA HIS A 70 -21.51 -35.86 8.31
C HIS A 70 -21.21 -34.52 7.65
N SER A 71 -19.92 -34.24 7.41
CA SER A 71 -19.52 -32.97 6.84
C SER A 71 -18.08 -33.07 6.33
N PRO A 72 -17.59 -32.07 5.56
CA PRO A 72 -16.21 -32.07 5.04
C PRO A 72 -15.16 -32.01 6.14
N ASP A 73 -14.03 -32.70 5.92
CA ASP A 73 -13.00 -32.82 6.93
C ASP A 73 -12.00 -31.68 6.80
N GLN A 74 -12.07 -30.89 5.72
CA GLN A 74 -11.10 -29.84 5.48
C GLN A 74 -11.71 -28.63 4.79
N VAL A 75 -11.28 -27.42 5.15
CA VAL A 75 -11.72 -26.22 4.45
C VAL A 75 -10.54 -25.27 4.25
N SER A 76 -10.64 -24.44 3.22
CA SER A 76 -9.81 -23.26 3.04
C SER A 76 -10.41 -22.09 3.81
N VAL A 77 -9.57 -21.42 4.63
CA VAL A 77 -9.99 -20.35 5.51
C VAL A 77 -9.06 -19.17 5.32
N PRO A 78 -9.57 -17.92 5.20
CA PRO A 78 -8.71 -16.74 5.19
C PRO A 78 -7.95 -16.60 6.51
N ILE A 79 -6.67 -16.29 6.45
CA ILE A 79 -5.85 -16.25 7.65
C ILE A 79 -6.31 -15.19 8.65
N SER A 80 -7.09 -14.21 8.22
CA SER A 80 -7.57 -13.19 9.13
C SER A 80 -8.57 -13.77 10.14
N SER A 81 -9.08 -14.98 9.89
CA SER A 81 -10.02 -15.65 10.78
C SER A 81 -9.30 -16.51 11.83
N LEU A 82 -7.99 -16.67 11.68
CA LEU A 82 -7.22 -17.66 12.45
C LEU A 82 -6.09 -16.96 13.18
N TRP A 83 -5.67 -17.55 14.31
CA TRP A 83 -4.36 -17.27 14.85
C TRP A 83 -3.31 -17.86 13.93
N VAL A 84 -2.27 -17.06 13.66
CA VAL A 84 -1.18 -17.41 12.78
C VAL A 84 0.13 -17.04 13.48
N PRO A 85 1.16 -17.93 13.48
CA PRO A 85 2.41 -17.63 14.17
C PRO A 85 3.07 -16.39 13.58
N ASP A 86 3.63 -15.56 14.47
CA ASP A 86 4.17 -14.27 14.10
C ASP A 86 5.62 -14.45 13.63
N LEU A 87 5.80 -15.26 12.58
CA LEU A 87 7.12 -15.58 12.06
C LEU A 87 7.72 -14.36 11.37
N ALA A 88 9.03 -14.18 11.58
CA ALA A 88 9.83 -13.21 10.85
C ALA A 88 11.13 -13.88 10.42
N ALA A 89 11.59 -13.55 9.21
CA ALA A 89 12.98 -13.78 8.83
C ALA A 89 13.86 -12.69 9.42
N TYR A 90 14.76 -13.08 10.32
CA TYR A 90 15.51 -12.14 11.17
C TYR A 90 16.47 -11.29 10.35
N ASN A 91 16.92 -11.81 9.20
CA ASN A 91 17.93 -11.14 8.39
C ASN A 91 17.32 -10.66 7.08
N ALA A 92 15.99 -10.53 7.03
CA ALA A 92 15.33 -9.92 5.88
C ALA A 92 15.53 -8.41 5.90
N ILE A 93 15.59 -7.81 4.71
CA ILE A 93 15.79 -6.38 4.60
C ILE A 93 14.66 -5.77 3.75
N SER A 94 13.65 -6.58 3.44
CA SER A 94 12.40 -6.10 2.89
C SER A 94 11.28 -6.86 3.58
N LYS A 95 10.07 -6.27 3.57
CA LYS A 95 8.91 -6.99 4.05
C LYS A 95 8.62 -8.13 3.09
N PRO A 96 8.07 -9.26 3.59
CA PRO A 96 7.73 -10.39 2.73
C PRO A 96 6.59 -9.93 1.83
N GLU A 97 6.77 -10.06 0.51
CA GLU A 97 5.71 -9.86 -0.46
C GLU A 97 5.03 -11.20 -0.65
N VAL A 98 3.83 -11.37 -0.09
CA VAL A 98 3.04 -12.59 -0.29
C VAL A 98 2.39 -12.55 -1.65
N LEU A 99 2.70 -13.56 -2.49
CA LEU A 99 2.30 -13.58 -3.88
C LEU A 99 0.97 -14.30 -4.09
N THR A 100 0.58 -15.18 -3.15
CA THR A 100 -0.54 -16.09 -3.33
C THR A 100 -1.72 -15.66 -2.46
N PRO A 101 -2.94 -16.19 -2.73
CA PRO A 101 -4.11 -15.89 -1.90
C PRO A 101 -3.84 -16.29 -0.46
N GLN A 102 -4.20 -15.41 0.47
CA GLN A 102 -3.88 -15.58 1.88
C GLN A 102 -4.95 -16.42 2.56
N LEU A 103 -4.99 -17.70 2.17
CA LEU A 103 -5.88 -18.71 2.70
C LEU A 103 -5.05 -19.81 3.33
N ALA A 104 -5.47 -20.32 4.47
CA ALA A 104 -4.87 -21.51 5.05
C ALA A 104 -5.84 -22.68 4.93
N ARG A 105 -5.35 -23.88 5.17
CA ARG A 105 -6.16 -25.08 5.10
C ARG A 105 -6.31 -25.61 6.51
N VAL A 106 -7.55 -25.82 6.96
CA VAL A 106 -7.80 -26.27 8.32
C VAL A 106 -8.49 -27.63 8.22
N VAL A 107 -8.02 -28.58 9.04
CA VAL A 107 -8.60 -29.91 9.08
C VAL A 107 -9.51 -29.99 10.30
N SER A 108 -10.47 -30.93 10.29
CA SER A 108 -11.49 -31.03 11.34
C SER A 108 -10.87 -31.26 12.73
N ASP A 109 -9.64 -31.78 12.78
CA ASP A 109 -8.96 -32.05 14.03
C ASP A 109 -8.30 -30.77 14.54
N GLY A 110 -8.16 -29.76 13.67
CA GLY A 110 -7.58 -28.49 14.06
C GLY A 110 -6.14 -28.30 13.55
N GLU A 111 -5.68 -29.19 12.67
CA GLU A 111 -4.38 -29.02 12.03
C GLU A 111 -4.53 -27.91 10.99
N VAL A 112 -3.56 -26.98 10.97
CA VAL A 112 -3.59 -25.86 10.05
C VAL A 112 -2.36 -25.95 9.14
N LEU A 113 -2.56 -25.68 7.86
CA LEU A 113 -1.47 -25.57 6.92
C LEU A 113 -1.57 -24.24 6.18
N TYR A 114 -0.58 -23.38 6.38
CA TYR A 114 -0.48 -22.12 5.67
C TYR A 114 0.81 -22.15 4.87
N MET A 115 0.69 -21.94 3.55
CA MET A 115 1.83 -22.07 2.68
C MET A 115 1.81 -20.98 1.61
N PRO A 116 2.11 -19.72 1.98
CA PRO A 116 2.23 -18.63 1.03
C PRO A 116 3.52 -18.73 0.22
N SER A 117 3.44 -18.33 -1.05
CA SER A 117 4.63 -18.11 -1.87
C SER A 117 5.12 -16.72 -1.53
N ILE A 118 6.38 -16.57 -1.14
CA ILE A 118 6.90 -15.31 -0.64
C ILE A 118 8.07 -14.87 -1.50
N ARG A 119 8.14 -13.55 -1.78
CA ARG A 119 9.31 -12.97 -2.38
C ARG A 119 9.89 -11.97 -1.38
N GLN A 120 11.17 -12.12 -1.07
CA GLN A 120 11.76 -11.34 0.01
C GLN A 120 13.26 -11.19 -0.24
N ARG A 121 13.82 -10.09 0.23
CA ARG A 121 15.22 -9.77 0.03
C ARG A 121 15.94 -9.96 1.37
N PHE A 122 17.12 -10.57 1.32
CA PHE A 122 17.86 -10.90 2.52
C PHE A 122 19.30 -10.40 2.44
N SER A 123 19.85 -10.17 3.64
CA SER A 123 21.26 -9.89 3.87
C SER A 123 21.92 -11.20 4.30
N CYS A 124 22.76 -11.76 3.43
CA CYS A 124 23.44 -13.01 3.73
C CYS A 124 24.72 -13.12 2.91
N ASP A 125 25.51 -14.17 3.17
CA ASP A 125 26.78 -14.38 2.50
C ASP A 125 26.56 -14.77 1.05
N VAL A 126 26.92 -13.87 0.12
CA VAL A 126 26.83 -14.15 -1.30
C VAL A 126 28.24 -14.36 -1.88
N SER A 127 29.27 -14.31 -1.04
CA SER A 127 30.61 -14.53 -1.53
C SER A 127 30.66 -15.92 -2.16
N GLY A 128 31.29 -16.00 -3.34
CA GLY A 128 31.56 -17.25 -4.02
C GLY A 128 30.41 -17.71 -4.90
N VAL A 129 29.42 -16.83 -5.16
CA VAL A 129 28.22 -17.20 -5.91
C VAL A 129 28.57 -17.60 -7.35
N ASP A 130 29.69 -17.09 -7.87
CA ASP A 130 30.06 -17.30 -9.26
C ASP A 130 31.19 -18.34 -9.38
N THR A 131 31.39 -19.14 -8.32
CA THR A 131 32.38 -20.20 -8.33
C THR A 131 31.66 -21.55 -8.40
N GLU A 132 32.45 -22.63 -8.44
CA GLU A 132 31.92 -23.98 -8.47
C GLU A 132 31.27 -24.31 -7.12
N SER A 133 31.86 -23.83 -6.03
CA SER A 133 31.41 -24.14 -4.68
C SER A 133 30.12 -23.39 -4.37
N GLY A 134 29.92 -22.26 -5.06
CA GLY A 134 28.74 -21.44 -4.88
C GLY A 134 28.79 -20.67 -3.57
N ALA A 135 27.72 -19.90 -3.30
CA ALA A 135 27.55 -19.19 -2.06
C ALA A 135 26.66 -19.99 -1.13
N THR A 136 26.76 -19.71 0.18
CA THR A 136 25.83 -20.27 1.15
C THR A 136 25.15 -19.12 1.88
N CYS A 137 23.86 -18.93 1.62
CA CYS A 137 23.08 -17.86 2.20
C CYS A 137 22.20 -18.46 3.31
N ARG A 138 22.39 -17.96 4.53
CA ARG A 138 21.69 -18.47 5.69
C ARG A 138 20.52 -17.54 6.04
N ILE A 139 19.31 -18.11 6.04
CA ILE A 139 18.08 -17.39 6.37
C ILE A 139 17.54 -17.92 7.69
N LYS A 140 17.43 -17.04 8.70
CA LYS A 140 16.96 -17.38 10.02
C LYS A 140 15.51 -16.95 10.17
N ILE A 141 14.61 -17.86 10.54
CA ILE A 141 13.18 -17.59 10.66
C ILE A 141 12.66 -18.15 11.98
N GLY A 142 11.98 -17.30 12.77
CA GLY A 142 11.42 -17.68 14.05
C GLY A 142 10.31 -16.70 14.46
N SER A 143 9.67 -16.97 15.59
CA SER A 143 8.68 -16.05 16.15
C SER A 143 9.36 -14.72 16.49
N TRP A 144 8.66 -13.63 16.31
CA TRP A 144 9.19 -12.33 16.69
C TRP A 144 8.97 -12.05 18.17
N THR A 145 7.80 -12.43 18.72
CA THR A 145 7.44 -12.04 20.10
C THR A 145 7.22 -13.24 21.03
N HIS A 146 7.18 -14.49 20.55
CA HIS A 146 6.90 -15.64 21.40
C HIS A 146 8.18 -16.46 21.64
N HIS A 147 8.56 -16.57 22.92
CA HIS A 147 9.74 -17.30 23.32
C HIS A 147 9.46 -18.81 23.37
N SER A 148 10.49 -19.58 23.75
CA SER A 148 10.56 -21.02 23.63
C SER A 148 9.44 -21.73 24.38
N ARG A 149 8.90 -21.10 25.43
CA ARG A 149 7.85 -21.69 26.24
C ARG A 149 6.48 -21.53 25.59
N GLU A 150 6.37 -20.64 24.59
CA GLU A 150 5.11 -20.33 23.92
C GLU A 150 5.09 -20.84 22.49
N ILE A 151 6.20 -20.67 21.78
CA ILE A 151 6.35 -21.24 20.44
C ILE A 151 7.70 -21.94 20.33
N SER A 152 7.64 -23.17 19.84
CA SER A 152 8.79 -23.93 19.39
C SER A 152 8.68 -24.09 17.87
N VAL A 153 9.83 -23.95 17.19
CA VAL A 153 9.85 -24.11 15.75
C VAL A 153 10.71 -25.34 15.44
N ASP A 154 10.23 -26.15 14.50
CA ASP A 154 10.89 -27.38 14.10
CA ASP A 154 10.88 -27.38 14.09
C ASP A 154 10.99 -27.40 12.57
N PRO A 155 12.18 -27.71 12.00
CA PRO A 155 12.27 -27.93 10.55
C PRO A 155 11.61 -29.26 10.19
N THR A 156 10.65 -29.25 9.26
CA THR A 156 10.04 -30.48 8.78
C THR A 156 11.16 -31.34 8.19
N THR A 157 10.91 -32.64 8.12
CA THR A 157 11.82 -33.59 7.49
C THR A 157 11.23 -34.03 6.14
N GLU A 158 11.04 -33.05 5.26
CA GLU A 158 10.78 -33.26 3.85
C GLU A 158 11.91 -34.06 3.24
N ASN A 159 13.16 -33.67 3.51
CA ASN A 159 14.36 -34.45 3.25
C ASN A 159 14.39 -34.96 1.81
N SER A 160 14.02 -34.10 0.85
CA SER A 160 13.61 -34.50 -0.49
C SER A 160 14.60 -33.92 -1.49
N ASP A 161 14.17 -33.72 -2.75
CA ASP A 161 14.92 -32.90 -3.68
C ASP A 161 14.74 -31.43 -3.30
N ASP A 162 15.86 -30.71 -3.36
CA ASP A 162 15.93 -29.30 -3.01
C ASP A 162 15.45 -28.46 -4.20
N SER A 163 15.88 -28.82 -5.41
CA SER A 163 15.55 -28.12 -6.64
C SER A 163 14.22 -28.62 -7.22
N GLU A 164 13.32 -29.16 -6.40
CA GLU A 164 12.21 -29.93 -6.95
C GLU A 164 11.23 -29.01 -7.66
N TYR A 165 10.95 -27.86 -7.02
CA TYR A 165 9.98 -26.90 -7.50
C TYR A 165 10.67 -25.63 -7.98
N PHE A 166 12.00 -25.67 -8.09
CA PHE A 166 12.80 -24.52 -8.45
C PHE A 166 12.74 -24.25 -9.96
N SER A 167 12.69 -22.97 -10.32
CA SER A 167 12.51 -22.57 -11.71
C SER A 167 13.73 -23.03 -12.51
N GLN A 168 13.47 -23.70 -13.64
CA GLN A 168 14.56 -24.06 -14.53
C GLN A 168 15.07 -22.81 -15.25
N TYR A 169 14.34 -21.69 -15.15
CA TYR A 169 14.59 -20.51 -15.96
C TYR A 169 15.39 -19.46 -15.19
N SER A 170 15.61 -19.69 -13.90
CA SER A 170 16.52 -18.87 -13.13
C SER A 170 17.94 -18.92 -13.68
N ARG A 171 18.70 -17.86 -13.43
CA ARG A 171 20.10 -17.81 -13.80
C ARG A 171 20.95 -18.61 -12.83
N PHE A 172 20.36 -19.01 -11.70
CA PHE A 172 21.08 -19.71 -10.65
C PHE A 172 20.55 -21.13 -10.53
N GLU A 173 21.35 -21.98 -9.86
CA GLU A 173 20.97 -23.34 -9.54
C GLU A 173 21.27 -23.62 -8.08
N ILE A 174 20.55 -24.57 -7.50
CA ILE A 174 20.68 -24.95 -6.11
C ILE A 174 21.53 -26.21 -6.03
N LEU A 175 22.55 -26.15 -5.16
CA LEU A 175 23.44 -27.27 -4.91
C LEU A 175 22.92 -28.06 -3.71
N ASP A 176 22.54 -27.37 -2.63
CA ASP A 176 22.02 -28.03 -1.44
C ASP A 176 21.26 -27.05 -0.56
N VAL A 177 20.24 -27.55 0.14
CA VAL A 177 19.53 -26.83 1.18
C VAL A 177 19.56 -27.66 2.45
N THR A 178 19.93 -27.06 3.59
CA THR A 178 19.89 -27.75 4.88
C THR A 178 19.20 -26.85 5.90
N GLN A 179 18.20 -27.43 6.58
CA GLN A 179 17.34 -26.73 7.52
C GLN A 179 17.65 -27.28 8.91
N LYS A 180 18.19 -26.46 9.82
CA LYS A 180 18.47 -26.89 11.17
C LYS A 180 17.85 -25.93 12.20
N LYS A 181 17.66 -26.41 13.43
CA LYS A 181 17.01 -25.67 14.50
C LYS A 181 18.06 -24.86 15.26
N ASN A 182 17.68 -23.70 15.77
CA ASN A 182 18.55 -22.89 16.61
C ASN A 182 17.74 -22.22 17.72
N SER A 183 18.43 -21.44 18.55
CA SER A 183 17.82 -20.96 19.79
C SER A 183 18.65 -19.83 20.40
N VAL A 184 18.23 -18.59 20.11
CA VAL A 184 19.02 -17.40 20.42
C VAL A 184 18.44 -16.74 21.66
N THR A 185 19.33 -16.17 22.48
CA THR A 185 18.96 -15.45 23.69
C THR A 185 19.57 -14.06 23.61
N TYR A 186 18.97 -13.09 24.32
CA TYR A 186 19.41 -11.71 24.26
C TYR A 186 19.84 -11.28 25.66
N SER A 187 20.88 -10.43 25.71
CA SER A 187 21.54 -10.05 26.95
C SER A 187 20.57 -9.33 27.88
N CYS A 188 19.53 -8.69 27.32
CA CYS A 188 18.54 -7.98 28.12
C CYS A 188 17.86 -8.93 29.11
N CYS A 189 17.63 -10.18 28.71
CA CYS A 189 16.52 -10.98 29.23
C CYS A 189 16.84 -12.47 29.19
N PRO A 190 16.14 -13.33 29.98
CA PRO A 190 16.45 -14.76 30.04
C PRO A 190 15.78 -15.71 29.05
N GLU A 191 14.82 -15.21 28.26
CA GLU A 191 14.00 -16.06 27.42
C GLU A 191 14.76 -16.35 26.12
N ALA A 192 14.49 -17.54 25.56
CA ALA A 192 15.10 -17.97 24.30
C ALA A 192 14.08 -17.97 23.16
N TYR A 193 14.51 -17.50 21.98
CA TYR A 193 13.66 -17.49 20.81
C TYR A 193 14.13 -18.58 19.85
N GLU A 194 13.26 -19.55 19.60
CA GLU A 194 13.57 -20.66 18.72
C GLU A 194 13.44 -20.18 17.28
N ASP A 195 14.37 -20.63 16.42
CA ASP A 195 14.35 -20.32 15.00
C ASP A 195 14.77 -21.54 14.21
N VAL A 196 14.47 -21.51 12.90
CA VAL A 196 15.05 -22.43 11.93
C VAL A 196 16.07 -21.67 11.08
N GLU A 197 17.26 -22.26 10.88
CA GLU A 197 18.29 -21.68 10.02
C GLU A 197 18.31 -22.43 8.71
N VAL A 198 17.90 -21.79 7.62
CA VAL A 198 17.90 -22.42 6.31
C VAL A 198 19.16 -22.00 5.54
N SER A 199 20.02 -22.96 5.21
CA SER A 199 21.25 -22.70 4.50
C SER A 199 21.05 -23.00 3.01
N LEU A 200 21.04 -21.94 2.20
CA LEU A 200 20.87 -22.09 0.76
C LEU A 200 22.22 -22.05 0.06
N ASN A 201 22.67 -23.20 -0.47
CA ASN A 201 23.91 -23.29 -1.22
C ASN A 201 23.54 -23.24 -2.69
N PHE A 202 23.91 -22.14 -3.38
CA PHE A 202 23.53 -21.95 -4.77
C PHE A 202 24.69 -21.31 -5.53
N ARG A 203 24.59 -21.26 -6.85
CA ARG A 203 25.59 -20.62 -7.67
C ARG A 203 25.02 -20.24 -9.03
N LYS A 204 25.71 -19.33 -9.72
CA LYS A 204 25.33 -18.96 -11.08
C LYS A 204 25.54 -20.17 -11.99
N LYS A 205 24.62 -20.37 -12.94
CA LYS A 205 24.67 -21.51 -13.82
C LYS A 205 25.84 -21.34 -14.79
N GLY A 206 26.45 -22.46 -15.17
CA GLY A 206 27.67 -22.44 -15.94
C GLY A 206 27.40 -22.10 -17.40
N ARG A 207 28.47 -21.71 -18.09
CA ARG A 207 28.70 -22.03 -19.50
C ARG A 207 27.44 -21.74 -20.32
N SER A 208 26.59 -22.75 -20.54
CA SER A 208 25.64 -22.84 -21.64
C SER A 208 26.40 -23.17 -22.92
N GLU A 209 27.68 -23.50 -22.76
CA GLU A 209 28.69 -23.34 -23.79
C GLU A 209 28.94 -24.70 -24.45
N ILE A 210 29.87 -24.76 -25.40
CA ILE A 210 30.27 -26.01 -26.03
C ILE A 210 31.63 -25.84 -26.71
N SER B 1 -7.17 -21.56 35.82
CA SER B 1 -8.16 -20.47 36.00
C SER B 1 -8.17 -19.53 34.78
N LEU B 2 -7.59 -18.32 34.91
CA LEU B 2 -7.56 -17.34 33.84
C LEU B 2 -6.55 -17.74 32.75
N ASP B 3 -6.85 -17.41 31.50
CA ASP B 3 -6.10 -17.92 30.37
C ASP B 3 -5.75 -16.74 29.47
N ARG B 4 -5.03 -17.02 28.37
CA ARG B 4 -4.56 -15.96 27.48
C ARG B 4 -5.74 -15.22 26.85
N ALA B 5 -6.86 -15.96 26.65
CA ALA B 5 -8.06 -15.37 26.05
C ALA B 5 -8.63 -14.29 26.96
N ASP B 6 -8.78 -14.63 28.27
CA ASP B 6 -9.29 -13.70 29.26
C ASP B 6 -8.41 -12.46 29.33
N ILE B 7 -7.09 -12.66 29.31
CA ILE B 7 -6.17 -11.55 29.41
C ILE B 7 -6.40 -10.59 28.23
N LEU B 8 -6.58 -11.16 27.03
CA LEU B 8 -6.68 -10.32 25.84
C LEU B 8 -8.02 -9.56 25.87
N TYR B 9 -9.09 -10.29 26.20
CA TYR B 9 -10.41 -9.71 26.33
C TYR B 9 -10.39 -8.52 27.29
N ASN B 10 -9.72 -8.67 28.44
CA ASN B 10 -9.64 -7.60 29.42
C ASN B 10 -8.85 -6.40 28.87
N ILE B 11 -7.78 -6.68 28.12
CA ILE B 11 -6.99 -5.61 27.53
C ILE B 11 -7.87 -4.80 26.58
N ARG B 12 -8.60 -5.49 25.69
CA ARG B 12 -9.52 -4.86 24.76
C ARG B 12 -10.51 -3.94 25.48
N GLN B 13 -11.12 -4.44 26.57
CA GLN B 13 -12.18 -3.73 27.26
C GLN B 13 -11.66 -2.45 27.92
N THR B 14 -10.42 -2.47 28.43
CA THR B 14 -9.92 -1.36 29.25
C THR B 14 -8.88 -0.52 28.50
N SER B 15 -8.30 -1.03 27.40
CA SER B 15 -7.27 -0.29 26.68
C SER B 15 -7.90 0.80 25.80
N ARG B 16 -7.23 1.95 25.76
CA ARG B 16 -7.71 3.10 25.00
C ARG B 16 -6.60 3.56 24.06
N PRO B 17 -6.51 3.01 22.82
CA PRO B 17 -5.37 3.27 21.96
C PRO B 17 -5.07 4.73 21.66
N ASP B 18 -6.08 5.59 21.82
CA ASP B 18 -5.95 6.98 21.43
C ASP B 18 -5.83 7.88 22.65
N VAL B 19 -5.65 7.28 23.83
CA VAL B 19 -5.59 8.02 25.08
C VAL B 19 -4.26 7.71 25.78
N ILE B 20 -3.44 8.76 25.93
CA ILE B 20 -2.16 8.62 26.60
C ILE B 20 -2.42 8.18 28.04
N PRO B 21 -1.78 7.11 28.54
CA PRO B 21 -2.08 6.60 29.88
C PRO B 21 -1.31 7.27 31.02
N THR B 22 -1.46 8.60 31.14
CA THR B 22 -0.81 9.34 32.20
C THR B 22 -1.46 8.94 33.52
N GLN B 23 -0.60 8.68 34.51
CA GLN B 23 -1.03 8.58 35.90
C GLN B 23 -0.91 9.99 36.51
N ARG B 24 -2.01 10.45 37.13
CA ARG B 24 -2.14 11.84 37.55
C ARG B 24 -1.89 12.76 36.35
N ASP B 25 -1.13 13.84 36.53
CA ASP B 25 -0.72 14.68 35.41
C ASP B 25 0.79 14.54 35.22
N ARG B 26 1.32 13.34 35.44
CA ARG B 26 2.75 13.09 35.28
C ARG B 26 3.01 12.50 33.90
N PRO B 27 4.20 12.76 33.30
CA PRO B 27 4.52 12.25 31.97
C PRO B 27 4.62 10.72 31.96
N VAL B 28 4.37 10.13 30.80
CA VAL B 28 4.65 8.72 30.58
C VAL B 28 6.14 8.61 30.25
N ALA B 29 6.83 7.73 30.97
CA ALA B 29 8.25 7.53 30.78
C ALA B 29 8.48 6.47 29.71
N VAL B 30 8.83 6.92 28.50
CA VAL B 30 9.12 6.03 27.39
C VAL B 30 10.62 5.84 27.32
N SER B 31 11.07 4.58 27.35
CA SER B 31 12.47 4.23 27.10
C SER B 31 12.64 3.85 25.63
N VAL B 32 13.69 4.39 25.00
CA VAL B 32 13.95 4.19 23.58
C VAL B 32 15.42 3.82 23.38
N SER B 33 15.66 2.72 22.68
CA SER B 33 17.00 2.22 22.44
C SER B 33 17.06 1.55 21.06
N LEU B 34 17.99 2.00 20.20
CA LEU B 34 18.20 1.40 18.89
C LEU B 34 19.32 0.38 18.98
N LYS B 35 19.08 -0.80 18.41
CA LYS B 35 20.13 -1.74 18.07
C LYS B 35 20.25 -1.82 16.55
N PHE B 36 21.42 -1.45 16.00
CA PHE B 36 21.62 -1.41 14.57
C PHE B 36 21.91 -2.80 14.03
N ILE B 37 21.22 -3.16 12.94
CA ILE B 37 21.29 -4.49 12.37
C ILE B 37 22.03 -4.44 11.04
N ASN B 38 21.83 -3.36 10.28
CA ASN B 38 22.43 -3.28 8.97
C ASN B 38 22.52 -1.83 8.53
N ILE B 39 23.52 -1.52 7.72
CA ILE B 39 23.62 -0.28 7.00
C ILE B 39 23.71 -0.65 5.52
N LEU B 40 22.68 -0.25 4.75
CA LEU B 40 22.43 -0.81 3.44
C LEU B 40 22.98 0.09 2.35
N GLU B 41 22.84 1.41 2.50
CA GLU B 41 23.17 2.34 1.45
C GLU B 41 23.64 3.62 2.11
N VAL B 42 24.68 4.20 1.55
CA VAL B 42 25.29 5.39 2.07
C VAL B 42 25.65 6.26 0.87
N ASN B 43 25.43 7.57 1.01
CA ASN B 43 25.74 8.52 -0.05
C ASN B 43 26.47 9.71 0.54
N GLU B 44 27.77 9.80 0.25
CA GLU B 44 28.65 10.83 0.78
C GLU B 44 28.25 12.22 0.30
N ILE B 45 27.69 12.28 -0.92
CA ILE B 45 27.37 13.53 -1.57
C ILE B 45 26.04 14.10 -1.02
N THR B 46 25.01 13.24 -0.94
CA THR B 46 23.68 13.68 -0.54
C THR B 46 23.54 13.64 0.99
N ASN B 47 24.51 13.03 1.69
CA ASN B 47 24.41 12.82 3.13
C ASN B 47 23.11 12.12 3.46
N GLU B 48 22.98 10.88 2.95
CA GLU B 48 21.81 10.05 3.22
C GLU B 48 22.31 8.65 3.53
N VAL B 49 21.68 7.99 4.51
CA VAL B 49 21.96 6.61 4.82
C VAL B 49 20.65 5.85 4.92
N ASP B 50 20.70 4.57 4.56
CA ASP B 50 19.56 3.67 4.62
C ASP B 50 19.98 2.59 5.61
N VAL B 51 19.26 2.48 6.74
CA VAL B 51 19.66 1.66 7.86
C VAL B 51 18.51 0.77 8.30
N VAL B 52 18.85 -0.35 8.94
CA VAL B 52 17.91 -1.25 9.58
C VAL B 52 18.27 -1.33 11.06
N PHE B 53 17.28 -1.11 11.93
CA PHE B 53 17.53 -1.15 13.36
C PHE B 53 16.30 -1.64 14.12
N TRP B 54 16.55 -2.33 15.25
CA TRP B 54 15.51 -2.66 16.20
C TRP B 54 15.27 -1.49 17.14
N GLN B 55 14.04 -0.99 17.20
CA GLN B 55 13.74 0.17 18.03
C GLN B 55 13.04 -0.28 19.30
N ARG B 56 13.82 -0.66 20.31
CA ARG B 56 13.27 -1.15 21.56
C ARG B 56 12.55 -0.01 22.28
N THR B 57 11.24 -0.16 22.46
CA THR B 57 10.39 0.86 23.06
C THR B 57 9.68 0.27 24.28
N THR B 58 9.76 0.98 25.40
CA THR B 58 9.30 0.50 26.69
C THR B 58 8.52 1.61 27.37
N TRP B 59 7.34 1.28 27.92
CA TRP B 59 6.59 2.22 28.74
C TRP B 59 5.60 1.44 29.61
N SER B 60 4.92 2.17 30.48
CA SER B 60 4.01 1.58 31.46
CA SER B 60 4.02 1.59 31.46
C SER B 60 2.58 2.04 31.17
N ASP B 61 1.64 1.08 31.17
CA ASP B 61 0.22 1.40 31.16
C ASP B 61 -0.48 0.55 32.23
N ARG B 62 -0.74 1.15 33.40
CA ARG B 62 -1.21 0.37 34.55
C ARG B 62 -2.66 -0.07 34.37
N THR B 63 -3.40 0.51 33.41
CA THR B 63 -4.77 0.10 33.17
C THR B 63 -4.82 -1.31 32.57
N LEU B 64 -3.69 -1.80 32.04
CA LEU B 64 -3.65 -3.09 31.37
C LEU B 64 -3.45 -4.22 32.38
N ALA B 65 -3.04 -3.89 33.60
CA ALA B 65 -2.54 -4.88 34.55
C ALA B 65 -3.60 -5.94 34.87
N TRP B 66 -3.14 -7.16 35.13
CA TRP B 66 -3.98 -8.25 35.63
C TRP B 66 -3.22 -9.03 36.70
N ASN B 67 -3.84 -10.09 37.21
CA ASN B 67 -3.36 -10.89 38.32
C ASN B 67 -2.04 -11.62 38.04
N SER B 68 -2.08 -12.92 37.71
CA SER B 68 -0.99 -13.69 37.12
C SER B 68 -0.27 -14.58 38.13
N SER B 69 -0.88 -14.79 39.30
CA SER B 69 -0.47 -15.89 40.17
C SER B 69 -0.92 -17.21 39.55
N HIS B 70 -2.20 -17.28 39.15
CA HIS B 70 -2.75 -18.48 38.54
C HIS B 70 -3.06 -18.25 37.07
N SER B 71 -2.14 -17.56 36.36
CA SER B 71 -2.29 -17.32 34.93
C SER B 71 -0.97 -16.84 34.34
N PRO B 72 -0.83 -16.74 33.00
CA PRO B 72 0.39 -16.25 32.36
C PRO B 72 0.74 -14.80 32.70
N ASP B 73 2.05 -14.51 32.84
CA ASP B 73 2.50 -13.22 33.32
C ASP B 73 2.67 -12.25 32.16
N GLN B 74 2.64 -12.78 30.92
CA GLN B 74 2.96 -12.00 29.73
C GLN B 74 2.16 -12.49 28.52
N VAL B 75 1.75 -11.55 27.65
CA VAL B 75 1.10 -11.93 26.41
C VAL B 75 1.62 -11.05 25.27
N SER B 76 1.52 -11.57 24.04
CA SER B 76 1.73 -10.78 22.84
C SER B 76 0.40 -10.15 22.43
N VAL B 77 0.41 -8.84 22.16
CA VAL B 77 -0.77 -8.10 21.79
C VAL B 77 -0.49 -7.27 20.54
N PRO B 78 -1.37 -7.25 19.52
CA PRO B 78 -1.23 -6.33 18.39
C PRO B 78 -1.29 -4.88 18.86
N ILE B 79 -0.40 -4.04 18.35
CA ILE B 79 -0.32 -2.65 18.81
C ILE B 79 -1.60 -1.88 18.51
N SER B 80 -2.46 -2.35 17.59
CA SER B 80 -3.70 -1.63 17.31
C SER B 80 -4.65 -1.68 18.52
N SER B 81 -4.39 -2.59 19.47
CA SER B 81 -5.19 -2.75 20.67
C SER B 81 -4.66 -1.90 21.83
N LEU B 82 -3.51 -1.24 21.64
CA LEU B 82 -2.79 -0.56 22.71
C LEU B 82 -2.57 0.90 22.35
N TRP B 83 -2.46 1.77 23.36
CA TRP B 83 -1.82 3.05 23.15
C TRP B 83 -0.32 2.83 22.94
N VAL B 84 0.23 3.53 21.95
CA VAL B 84 1.63 3.45 21.57
C VAL B 84 2.18 4.87 21.40
N PRO B 85 3.36 5.19 21.96
CA PRO B 85 3.91 6.54 21.84
C PRO B 85 4.14 6.92 20.38
N ASP B 86 3.84 8.18 20.05
CA ASP B 86 3.87 8.65 18.69
C ASP B 86 5.29 9.09 18.33
N LEU B 87 6.24 8.17 18.44
CA LEU B 87 7.64 8.44 18.19
C LEU B 87 7.87 8.65 16.70
N ALA B 88 8.73 9.63 16.41
CA ALA B 88 9.17 9.92 15.05
C ALA B 88 10.68 10.20 15.07
N ALA B 89 11.37 9.73 14.04
CA ALA B 89 12.74 10.15 13.78
C ALA B 89 12.70 11.48 13.05
N TYR B 90 13.22 12.54 13.71
CA TYR B 90 13.04 13.92 13.29
C TYR B 90 13.75 14.20 11.97
N ASN B 91 14.81 13.44 11.67
CA ASN B 91 15.64 13.68 10.50
C ASN B 91 15.47 12.55 9.48
N ALA B 92 14.37 11.79 9.57
CA ALA B 92 14.07 10.75 8.58
C ALA B 92 13.58 11.38 7.29
N ILE B 93 13.88 10.75 6.16
CA ILE B 93 13.47 11.25 4.85
C ILE B 93 12.69 10.17 4.11
N SER B 94 12.39 9.06 4.80
CA SER B 94 11.41 8.10 4.34
C SER B 94 10.54 7.70 5.53
N LYS B 95 9.33 7.19 5.25
CA LYS B 95 8.53 6.63 6.33
C LYS B 95 9.19 5.33 6.77
N PRO B 96 9.05 4.95 8.06
CA PRO B 96 9.66 3.74 8.57
C PRO B 96 8.95 2.57 7.93
N GLU B 97 9.73 1.67 7.31
CA GLU B 97 9.24 0.38 6.84
C GLU B 97 9.39 -0.61 7.99
N VAL B 98 8.30 -0.96 8.67
CA VAL B 98 8.33 -1.94 9.74
C VAL B 98 8.36 -3.33 9.13
N LEU B 99 9.42 -4.09 9.45
CA LEU B 99 9.71 -5.37 8.80
C LEU B 99 9.07 -6.54 9.55
N THR B 100 8.77 -6.36 10.85
CA THR B 100 8.39 -7.47 11.72
C THR B 100 6.90 -7.42 12.06
N PRO B 101 6.33 -8.50 12.62
CA PRO B 101 4.96 -8.50 13.10
C PRO B 101 4.75 -7.39 14.12
N GLN B 102 3.66 -6.65 13.96
CA GLN B 102 3.42 -5.47 14.80
C GLN B 102 2.69 -5.89 16.08
N LEU B 103 3.41 -6.66 16.90
CA LEU B 103 2.94 -7.14 18.18
C LEU B 103 3.83 -6.55 19.27
N ALA B 104 3.21 -6.13 20.37
CA ALA B 104 3.96 -5.76 21.56
C ALA B 104 3.78 -6.83 22.61
N ARG B 105 4.63 -6.77 23.63
CA ARG B 105 4.58 -7.73 24.71
C ARG B 105 4.10 -6.96 25.95
N VAL B 106 3.06 -7.48 26.61
CA VAL B 106 2.51 -6.81 27.77
C VAL B 106 2.70 -7.74 28.97
N VAL B 107 3.18 -7.16 30.08
CA VAL B 107 3.41 -7.93 31.29
C VAL B 107 2.26 -7.64 32.25
N SER B 108 2.01 -8.55 33.21
CA SER B 108 0.87 -8.46 34.12
C SER B 108 0.85 -7.16 34.92
N ASP B 109 2.01 -6.53 35.10
CA ASP B 109 2.12 -5.30 35.86
C ASP B 109 1.78 -4.10 34.98
N GLY B 110 1.73 -4.30 33.66
CA GLY B 110 1.34 -3.25 32.73
C GLY B 110 2.54 -2.66 31.97
N GLU B 111 3.73 -3.28 32.11
CA GLU B 111 4.88 -2.88 31.32
C GLU B 111 4.67 -3.37 29.90
N VAL B 112 4.95 -2.49 28.93
CA VAL B 112 4.80 -2.83 27.53
C VAL B 112 6.19 -2.77 26.88
N LEU B 113 6.47 -3.74 26.00
CA LEU B 113 7.68 -3.75 25.21
C LEU B 113 7.30 -3.89 23.74
N TYR B 114 7.56 -2.86 22.94
CA TYR B 114 7.38 -2.90 21.51
C TYR B 114 8.75 -2.74 20.86
N MET B 115 9.12 -3.69 19.99
CA MET B 115 10.44 -3.68 19.38
C MET B 115 10.33 -4.11 17.92
N PRO B 116 9.86 -3.21 17.04
CA PRO B 116 9.85 -3.46 15.60
C PRO B 116 11.26 -3.32 15.02
N SER B 117 11.56 -4.18 14.03
CA SER B 117 12.73 -3.99 13.19
C SER B 117 12.32 -2.99 12.12
N ILE B 118 13.09 -1.90 11.98
CA ILE B 118 12.70 -0.84 11.06
C ILE B 118 13.79 -0.65 10.01
N ARG B 119 13.37 -0.41 8.78
CA ARG B 119 14.27 0.06 7.74
C ARG B 119 13.85 1.47 7.34
N GLN B 120 14.79 2.41 7.40
CA GLN B 120 14.45 3.81 7.20
C GLN B 120 15.66 4.55 6.68
N ARG B 121 15.40 5.62 5.93
CA ARG B 121 16.44 6.42 5.34
C ARG B 121 16.51 7.74 6.10
N PHE B 122 17.74 8.22 6.37
CA PHE B 122 17.95 9.43 7.15
C PHE B 122 18.86 10.41 6.43
N SER B 123 18.71 11.68 6.82
CA SER B 123 19.59 12.77 6.46
C SER B 123 20.52 13.03 7.63
N CYS B 124 21.80 12.67 7.48
CA CYS B 124 22.78 12.87 8.53
C CYS B 124 24.18 12.97 7.93
N ASP B 125 25.15 13.32 8.79
CA ASP B 125 26.52 13.57 8.38
C ASP B 125 27.19 12.27 7.96
N VAL B 126 27.50 12.16 6.67
CA VAL B 126 28.21 11.00 6.15
C VAL B 126 29.67 11.37 5.84
N SER B 127 30.06 12.62 6.07
CA SER B 127 31.45 13.00 5.85
C SER B 127 32.37 12.10 6.67
N GLY B 128 33.42 11.60 6.01
CA GLY B 128 34.47 10.80 6.63
C GLY B 128 34.14 9.32 6.70
N VAL B 129 33.09 8.87 5.98
CA VAL B 129 32.61 7.50 6.09
C VAL B 129 33.67 6.51 5.62
N ASP B 130 34.56 6.96 4.74
CA ASP B 130 35.50 6.13 4.02
C ASP B 130 36.89 6.26 4.62
N THR B 131 36.99 6.87 5.81
CA THR B 131 38.25 7.03 6.51
C THR B 131 38.30 6.07 7.69
N GLU B 132 39.41 6.08 8.42
CA GLU B 132 39.57 5.24 9.60
C GLU B 132 38.66 5.76 10.72
N SER B 133 38.50 7.09 10.83
CA SER B 133 37.71 7.69 11.90
C SER B 133 36.21 7.45 11.68
N GLY B 134 35.85 7.27 10.41
CA GLY B 134 34.47 6.98 10.06
C GLY B 134 33.61 8.24 10.13
N ALA B 135 32.32 8.08 9.81
CA ALA B 135 31.35 9.15 9.91
C ALA B 135 30.57 9.01 11.21
N THR B 136 29.93 10.11 11.64
CA THR B 136 29.01 10.06 12.77
C THR B 136 27.65 10.55 12.28
N CYS B 137 26.69 9.63 12.20
CA CYS B 137 25.33 9.93 11.79
C CYS B 137 24.44 10.02 13.02
N ARG B 138 23.83 11.19 13.22
CA ARG B 138 23.03 11.46 14.41
C ARG B 138 21.56 11.33 14.04
N ILE B 139 20.86 10.43 14.74
CA ILE B 139 19.43 10.20 14.57
C ILE B 139 18.71 10.70 15.83
N LYS B 140 17.79 11.67 15.65
CA LYS B 140 16.97 12.15 16.75
C LYS B 140 15.59 11.51 16.70
N ILE B 141 15.15 10.89 17.81
CA ILE B 141 13.84 10.25 17.91
C ILE B 141 13.13 10.69 19.19
N GLY B 142 11.90 11.18 19.01
CA GLY B 142 11.08 11.64 20.12
C GLY B 142 9.60 11.69 19.74
N SER B 143 8.74 12.10 20.69
CA SER B 143 7.31 12.22 20.39
C SER B 143 7.12 13.32 19.37
N TRP B 144 6.16 13.12 18.46
CA TRP B 144 5.85 14.14 17.47
C TRP B 144 4.93 15.20 18.06
N THR B 145 3.93 14.80 18.88
CA THR B 145 2.89 15.73 19.34
C THR B 145 2.84 15.90 20.86
N HIS B 146 3.57 15.09 21.66
CA HIS B 146 3.48 15.19 23.11
C HIS B 146 4.74 15.81 23.71
N HIS B 147 4.56 16.94 24.40
CA HIS B 147 5.67 17.67 24.98
C HIS B 147 6.11 17.02 26.28
N SER B 148 7.14 17.63 26.90
CA SER B 148 7.86 17.11 28.04
C SER B 148 6.98 16.78 29.24
N ARG B 149 5.82 17.46 29.35
CA ARG B 149 4.91 17.25 30.47
C ARG B 149 4.04 16.01 30.28
N GLU B 150 3.97 15.50 29.04
CA GLU B 150 3.11 14.37 28.69
C GLU B 150 3.92 13.12 28.35
N ILE B 151 5.02 13.31 27.60
CA ILE B 151 5.94 12.22 27.34
C ILE B 151 7.37 12.69 27.59
N SER B 152 8.09 11.86 28.37
CA SER B 152 9.53 11.97 28.53
C SER B 152 10.17 10.76 27.88
N VAL B 153 11.30 10.97 27.19
CA VAL B 153 12.02 9.87 26.58
C VAL B 153 13.40 9.79 27.22
N ASP B 154 13.83 8.56 27.53
CA ASP B 154 15.09 8.29 28.22
C ASP B 154 15.82 7.17 27.49
N PRO B 155 17.14 7.30 27.24
CA PRO B 155 17.91 6.19 26.68
C PRO B 155 18.10 5.09 27.72
N THR B 156 17.78 3.85 27.36
CA THR B 156 18.28 2.68 28.08
C THR B 156 19.78 2.57 27.84
N THR B 157 20.59 2.46 28.91
CA THR B 157 22.03 2.68 28.80
C THR B 157 22.69 1.37 29.21
N GLU B 158 22.40 0.30 28.45
CA GLU B 158 22.72 -1.07 28.87
C GLU B 158 24.17 -1.48 28.58
N ASN B 159 25.10 -0.54 28.34
CA ASN B 159 26.53 -0.68 28.59
C ASN B 159 27.09 -1.91 27.85
N SER B 160 26.61 -2.15 26.61
CA SER B 160 26.77 -3.44 25.96
C SER B 160 27.62 -3.27 24.68
N ASP B 161 27.69 -4.35 23.89
CA ASP B 161 28.30 -4.30 22.58
C ASP B 161 27.32 -3.66 21.60
N ASP B 162 27.87 -2.79 20.77
CA ASP B 162 27.12 -2.04 19.77
C ASP B 162 26.89 -2.89 18.53
N SER B 163 27.95 -3.59 18.08
CA SER B 163 27.87 -4.40 16.87
C SER B 163 27.39 -5.82 17.19
N GLU B 164 26.62 -5.98 18.27
CA GLU B 164 26.33 -7.31 18.77
C GLU B 164 25.42 -8.06 17.81
N TYR B 165 24.42 -7.33 17.28
CA TYR B 165 23.40 -7.90 16.43
C TYR B 165 23.58 -7.40 14.99
N PHE B 166 24.68 -6.70 14.72
CA PHE B 166 24.92 -6.08 13.43
C PHE B 166 25.40 -7.11 12.42
N SER B 167 24.93 -6.99 11.17
CA SER B 167 25.24 -7.96 10.14
C SER B 167 26.74 -7.95 9.86
N GLN B 168 27.33 -9.13 9.86
CA GLN B 168 28.72 -9.28 9.47
C GLN B 168 28.85 -9.07 7.96
N TYR B 169 27.72 -9.07 7.23
CA TYR B 169 27.73 -9.13 5.77
C TYR B 169 27.53 -7.74 5.16
N SER B 170 27.28 -6.73 6.02
CA SER B 170 27.25 -5.37 5.56
C SER B 170 28.60 -4.93 5.01
N ARG B 171 28.60 -3.92 4.15
CA ARG B 171 29.84 -3.33 3.65
C ARG B 171 30.45 -2.39 4.68
N PHE B 172 29.68 -2.07 5.72
CA PHE B 172 30.11 -1.14 6.74
C PHE B 172 30.30 -1.86 8.06
N GLU B 173 30.99 -1.20 9.01
CA GLU B 173 31.14 -1.68 10.38
C GLU B 173 30.88 -0.53 11.35
N ILE B 174 30.50 -0.90 12.58
CA ILE B 174 30.18 0.07 13.62
C ILE B 174 31.37 0.19 14.56
N LEU B 175 31.78 1.44 14.79
CA LEU B 175 32.84 1.76 15.73
C LEU B 175 32.27 2.00 17.12
N ASP B 176 31.22 2.81 17.20
CA ASP B 176 30.60 3.13 18.48
C ASP B 176 29.19 3.68 18.25
N VAL B 177 28.31 3.41 19.21
CA VAL B 177 26.98 4.01 19.28
C VAL B 177 26.83 4.65 20.66
N THR B 178 26.37 5.90 20.70
CA THR B 178 26.11 6.58 21.97
C THR B 178 24.73 7.23 21.92
N GLN B 179 23.93 6.94 22.96
CA GLN B 179 22.55 7.38 23.06
C GLN B 179 22.45 8.38 24.19
N LYS B 180 22.09 9.64 23.86
CA LYS B 180 21.96 10.68 24.87
C LYS B 180 20.62 11.39 24.75
N LYS B 181 20.17 12.01 25.85
CA LYS B 181 18.88 12.67 25.93
C LYS B 181 19.02 14.12 25.47
N ASN B 182 17.99 14.64 24.80
CA ASN B 182 17.99 16.02 24.33
C ASN B 182 16.57 16.59 24.45
N SER B 183 16.40 17.82 24.00
CA SER B 183 15.17 18.56 24.21
C SER B 183 15.08 19.72 23.23
N VAL B 184 14.23 19.56 22.21
CA VAL B 184 14.04 20.54 21.14
C VAL B 184 12.85 21.44 21.48
N THR B 185 13.01 22.72 21.17
CA THR B 185 11.98 23.73 21.30
C THR B 185 11.92 24.47 19.97
N TYR B 186 10.79 25.09 19.65
CA TYR B 186 10.59 25.77 18.38
C TYR B 186 10.29 27.23 18.69
N SER B 187 10.75 28.15 17.82
CA SER B 187 10.68 29.57 18.07
C SER B 187 9.22 30.05 18.14
N CYS B 188 8.31 29.31 17.49
CA CYS B 188 6.89 29.65 17.53
C CYS B 188 6.36 29.66 18.96
N CYS B 189 6.86 28.76 19.81
CA CYS B 189 6.10 28.26 20.96
C CYS B 189 7.02 27.89 22.11
N PRO B 190 6.52 27.80 23.37
CA PRO B 190 7.36 27.53 24.54
C PRO B 190 7.62 26.09 24.94
N GLU B 191 6.92 25.13 24.32
CA GLU B 191 6.89 23.76 24.83
C GLU B 191 8.11 23.00 24.33
N ALA B 192 8.60 22.04 25.14
CA ALA B 192 9.80 21.28 24.79
C ALA B 192 9.44 19.82 24.48
N TYR B 193 10.03 19.30 23.39
CA TYR B 193 9.83 17.91 23.01
C TYR B 193 11.12 17.15 23.32
N GLU B 194 11.02 16.17 24.22
CA GLU B 194 12.17 15.37 24.59
C GLU B 194 12.45 14.37 23.48
N ASP B 195 13.75 14.15 23.21
CA ASP B 195 14.18 13.18 22.22
C ASP B 195 15.40 12.44 22.76
N VAL B 196 15.71 11.30 22.11
CA VAL B 196 16.99 10.62 22.25
C VAL B 196 17.79 10.86 20.97
N GLU B 197 19.06 11.24 21.13
CA GLU B 197 19.96 11.43 20.01
C GLU B 197 20.89 10.22 19.92
N VAL B 198 20.73 9.42 18.87
CA VAL B 198 21.57 8.24 18.66
C VAL B 198 22.70 8.59 17.70
N SER B 199 23.94 8.51 18.18
CA SER B 199 25.11 8.86 17.39
C SER B 199 25.74 7.60 16.86
N LEU B 200 25.62 7.37 15.55
CA LEU B 200 26.15 6.16 14.93
C LEU B 200 27.49 6.48 14.28
N ASN B 201 28.57 5.95 14.86
CA ASN B 201 29.91 6.14 14.34
C ASN B 201 30.25 4.87 13.56
N PHE B 202 30.34 4.99 12.22
CA PHE B 202 30.52 3.83 11.37
C PHE B 202 31.47 4.17 10.23
N ARG B 203 31.91 3.16 9.49
CA ARG B 203 32.80 3.38 8.36
C ARG B 203 32.76 2.20 7.40
N LYS B 204 33.21 2.47 6.16
CA LYS B 204 33.32 1.43 5.16
C LYS B 204 34.39 0.44 5.62
N LYS B 205 34.15 -0.86 5.39
CA LYS B 205 35.12 -1.87 5.73
C LYS B 205 36.25 -1.80 4.72
N GLY B 206 37.46 -2.14 5.15
CA GLY B 206 38.57 -2.40 4.24
C GLY B 206 39.13 -1.13 3.64
N ARG B 207 39.81 -1.29 2.50
CA ARG B 207 40.43 -0.22 1.75
C ARG B 207 41.52 0.40 2.62
N SER B 208 42.45 -0.44 3.12
CA SER B 208 43.62 0.03 3.83
C SER B 208 44.63 -1.12 4.00
N LEU C 2 -12.56 15.44 35.00
CA LEU C 2 -12.50 14.94 33.60
C LEU C 2 -11.05 14.63 33.22
N ASP C 3 -10.87 13.59 32.40
CA ASP C 3 -9.56 13.08 32.05
C ASP C 3 -9.46 13.03 30.52
N ARG C 4 -8.30 12.62 30.01
CA ARG C 4 -8.04 12.64 28.57
C ARG C 4 -9.00 11.69 27.85
N ALA C 5 -9.41 10.61 28.53
CA ALA C 5 -10.32 9.63 27.96
C ALA C 5 -11.69 10.27 27.69
N ASP C 6 -12.20 10.99 28.70
CA ASP C 6 -13.47 11.70 28.60
C ASP C 6 -13.39 12.73 27.47
N ILE C 7 -12.28 13.45 27.37
CA ILE C 7 -12.12 14.46 26.34
C ILE C 7 -12.23 13.80 24.97
N LEU C 8 -11.60 12.65 24.79
CA LEU C 8 -11.58 12.03 23.47
C LEU C 8 -12.97 11.50 23.14
N TYR C 9 -13.61 10.83 24.12
CA TYR C 9 -14.96 10.32 23.95
C TYR C 9 -15.91 11.44 23.52
N ASN C 10 -15.81 12.61 24.16
CA ASN C 10 -16.66 13.76 23.83
C ASN C 10 -16.37 14.26 22.41
N ILE C 11 -15.10 14.27 22.02
CA ILE C 11 -14.73 14.70 20.68
C ILE C 11 -15.37 13.75 19.67
N ARG C 12 -15.25 12.44 19.86
CA ARG C 12 -15.89 11.45 19.00
C ARG C 12 -17.38 11.71 18.83
N GLN C 13 -18.08 11.96 19.96
CA GLN C 13 -19.53 12.09 19.96
C GLN C 13 -19.99 13.32 19.18
N THR C 14 -19.23 14.42 19.25
CA THR C 14 -19.69 15.70 18.70
C THR C 14 -18.93 16.07 17.41
N SER C 15 -17.77 15.45 17.15
CA SER C 15 -17.01 15.74 15.96
C SER C 15 -17.62 14.99 14.77
N ARG C 16 -17.62 15.67 13.62
CA ARG C 16 -18.15 15.13 12.40
C ARG C 16 -17.07 15.27 11.33
N PRO C 17 -16.22 14.24 11.14
CA PRO C 17 -15.07 14.34 10.25
C PRO C 17 -15.39 14.73 8.80
N ASP C 18 -16.64 14.54 8.40
CA ASP C 18 -17.06 14.76 7.03
C ASP C 18 -17.89 16.02 6.89
N VAL C 19 -17.94 16.82 7.96
CA VAL C 19 -18.74 18.04 7.97
C VAL C 19 -17.82 19.23 8.27
N ILE C 20 -17.72 20.13 7.29
CA ILE C 20 -16.92 21.32 7.44
C ILE C 20 -17.54 22.17 8.54
N PRO C 21 -16.76 22.61 9.56
CA PRO C 21 -17.34 23.32 10.70
C PRO C 21 -17.54 24.82 10.53
N THR C 22 -18.32 25.21 9.50
CA THR C 22 -18.57 26.62 9.22
C THR C 22 -19.41 27.21 10.34
N GLN C 23 -18.96 28.37 10.84
CA GLN C 23 -19.69 29.17 11.80
C GLN C 23 -20.47 30.19 10.98
N ARG C 24 -21.78 30.30 11.22
CA ARG C 24 -22.66 31.14 10.41
C ARG C 24 -22.58 30.60 8.97
N ASP C 25 -22.53 31.49 7.97
CA ASP C 25 -22.26 31.08 6.60
C ASP C 25 -20.87 31.58 6.18
N ARG C 26 -19.94 31.66 7.14
CA ARG C 26 -18.61 32.21 6.88
C ARG C 26 -17.64 31.07 6.61
N PRO C 27 -16.59 31.32 5.80
CA PRO C 27 -15.58 30.30 5.53
C PRO C 27 -14.79 29.93 6.79
N VAL C 28 -14.26 28.71 6.80
CA VAL C 28 -13.33 28.29 7.81
C VAL C 28 -11.95 28.84 7.41
N ALA C 29 -11.32 29.53 8.37
CA ALA C 29 -10.04 30.16 8.12
C ALA C 29 -8.93 29.16 8.44
N VAL C 30 -8.35 28.60 7.38
CA VAL C 30 -7.26 27.65 7.52
C VAL C 30 -5.97 28.43 7.32
N SER C 31 -5.04 28.34 8.29
CA SER C 31 -3.69 28.84 8.14
C SER C 31 -2.77 27.72 7.68
N VAL C 32 -1.96 28.01 6.65
CA VAL C 32 -1.09 27.02 6.03
C VAL C 32 0.31 27.62 5.90
N SER C 33 1.31 26.89 6.38
CA SER C 33 2.68 27.36 6.38
C SER C 33 3.62 26.16 6.23
N LEU C 34 4.50 26.20 5.22
CA LEU C 34 5.50 25.15 5.04
C LEU C 34 6.79 25.58 5.72
N LYS C 35 7.39 24.68 6.52
CA LYS C 35 8.78 24.76 6.89
C LYS C 35 9.55 23.67 6.16
N PHE C 36 10.51 24.08 5.32
CA PHE C 36 11.27 23.16 4.51
C PHE C 36 12.38 22.55 5.36
N ILE C 37 12.49 21.21 5.26
CA ILE C 37 13.42 20.46 6.10
C ILE C 37 14.57 19.95 5.23
N ASN C 38 14.25 19.57 3.99
CA ASN C 38 15.23 18.95 3.14
C ASN C 38 14.81 19.09 1.69
N ILE C 39 15.80 19.23 0.81
CA ILE C 39 15.58 19.10 -0.61
C ILE C 39 16.43 17.92 -1.09
N LEU C 40 15.76 16.90 -1.63
CA LEU C 40 16.38 15.59 -1.78
C LEU C 40 16.90 15.40 -3.20
N GLU C 41 16.11 15.83 -4.19
CA GLU C 41 16.36 15.46 -5.55
C GLU C 41 15.83 16.59 -6.41
N VAL C 42 16.64 16.97 -7.39
CA VAL C 42 16.34 18.11 -8.22
C VAL C 42 16.74 17.72 -9.64
N ASN C 43 15.91 18.10 -10.61
CA ASN C 43 16.15 17.72 -11.99
C ASN C 43 15.92 18.94 -12.88
N GLU C 44 17.00 19.53 -13.38
CA GLU C 44 16.94 20.75 -14.18
C GLU C 44 16.24 20.49 -15.52
N ILE C 45 16.34 19.25 -16.00
CA ILE C 45 15.84 18.88 -17.32
C ILE C 45 14.33 18.65 -17.25
N THR C 46 13.85 17.88 -16.25
CA THR C 46 12.44 17.53 -16.15
C THR C 46 11.67 18.60 -15.35
N ASN C 47 12.38 19.53 -14.71
CA ASN C 47 11.79 20.49 -13.78
C ASN C 47 10.94 19.77 -12.74
N GLU C 48 11.62 18.95 -11.94
CA GLU C 48 10.98 18.24 -10.84
C GLU C 48 11.86 18.34 -9.61
N VAL C 49 11.24 18.54 -8.44
CA VAL C 49 11.97 18.52 -7.18
C VAL C 49 11.25 17.59 -6.19
N ASP C 50 12.05 16.98 -5.32
CA ASP C 50 11.57 16.09 -4.28
C ASP C 50 11.96 16.77 -2.98
N VAL C 51 10.97 17.12 -2.17
CA VAL C 51 11.20 17.94 -0.98
C VAL C 51 10.52 17.29 0.23
N VAL C 52 11.08 17.60 1.41
CA VAL C 52 10.49 17.25 2.68
C VAL C 52 10.18 18.53 3.44
N PHE C 53 8.94 18.66 3.90
CA PHE C 53 8.53 19.86 4.59
C PHE C 53 7.48 19.56 5.64
N TRP C 54 7.49 20.34 6.72
CA TRP C 54 6.43 20.35 7.71
C TRP C 54 5.32 21.26 7.24
N GLN C 55 4.09 20.72 7.12
CA GLN C 55 2.97 21.49 6.64
C GLN C 55 2.09 21.91 7.82
N ARG C 56 2.45 23.03 8.45
CA ARG C 56 1.75 23.51 9.62
C ARG C 56 0.35 23.97 9.21
N THR C 57 -0.68 23.29 9.73
CA THR C 57 -2.06 23.57 9.39
C THR C 57 -2.84 23.90 10.65
N THR C 58 -3.56 25.03 10.61
CA THR C 58 -4.25 25.57 11.77
C THR C 58 -5.65 25.98 11.35
N TRP C 59 -6.64 25.63 12.18
CA TRP C 59 -8.01 26.09 11.97
C TRP C 59 -8.78 25.94 13.27
N SER C 60 -10.01 26.45 13.23
CA SER C 60 -10.88 26.50 14.39
C SER C 60 -12.09 25.60 14.15
N ASP C 61 -12.41 24.74 15.14
CA ASP C 61 -13.65 23.96 15.11
C ASP C 61 -14.28 24.04 16.49
N ARG C 62 -15.29 24.90 16.66
CA ARG C 62 -15.82 25.20 17.98
C ARG C 62 -16.64 24.01 18.53
N THR C 63 -17.03 23.06 17.68
CA THR C 63 -17.79 21.90 18.13
C THR C 63 -16.92 20.99 18.99
N LEU C 64 -15.58 21.16 18.92
CA LEU C 64 -14.65 20.30 19.65
C LEU C 64 -14.50 20.76 21.11
N ALA C 65 -14.90 21.99 21.40
CA ALA C 65 -14.53 22.64 22.64
C ALA C 65 -15.02 21.86 23.86
N TRP C 66 -14.23 21.92 24.96
CA TRP C 66 -14.63 21.42 26.26
C TRP C 66 -14.17 22.39 27.35
N ASN C 67 -14.45 22.06 28.61
CA ASN C 67 -14.23 22.96 29.73
C ASN C 67 -12.74 23.29 29.97
N SER C 68 -12.07 22.58 30.89
CA SER C 68 -10.63 22.54 31.03
C SER C 68 -10.11 23.41 32.18
N SER C 69 -11.00 23.79 33.08
CA SER C 69 -10.56 24.37 34.36
C SER C 69 -9.96 23.27 35.24
N HIS C 70 -10.71 22.17 35.43
CA HIS C 70 -10.25 21.01 36.16
C HIS C 70 -10.09 19.83 35.20
N SER C 71 -9.39 20.07 34.10
CA SER C 71 -8.98 19.01 33.18
C SER C 71 -7.92 19.54 32.22
N PRO C 72 -7.25 18.67 31.42
CA PRO C 72 -6.23 19.11 30.47
C PRO C 72 -6.76 20.03 29.38
N ASP C 73 -5.95 21.04 28.97
CA ASP C 73 -6.42 22.06 28.06
C ASP C 73 -6.15 21.66 26.62
N GLN C 74 -5.36 20.59 26.43
CA GLN C 74 -4.93 20.15 25.11
C GLN C 74 -4.80 18.64 25.04
N VAL C 75 -5.17 18.06 23.90
CA VAL C 75 -4.97 16.63 23.69
C VAL C 75 -4.45 16.38 22.28
N SER C 76 -3.71 15.27 22.13
CA SER C 76 -3.38 14.74 20.82
C SER C 76 -4.50 13.82 20.36
N VAL C 77 -4.97 14.04 19.12
CA VAL C 77 -6.12 13.33 18.60
C VAL C 77 -5.78 12.81 17.21
N PRO C 78 -6.09 11.52 16.89
CA PRO C 78 -5.92 11.02 15.52
C PRO C 78 -6.81 11.79 14.57
N ILE C 79 -6.27 12.14 13.39
CA ILE C 79 -7.02 12.97 12.46
C ILE C 79 -8.31 12.30 11.98
N SER C 80 -8.42 10.98 12.10
CA SER C 80 -9.62 10.29 11.65
C SER C 80 -10.83 10.67 12.51
N SER C 81 -10.58 11.24 13.69
CA SER C 81 -11.64 11.64 14.62
C SER C 81 -12.11 13.07 14.38
N LEU C 82 -11.42 13.80 13.49
CA LEU C 82 -11.62 15.23 13.31
C LEU C 82 -11.95 15.52 11.86
N TRP C 83 -12.69 16.60 11.62
CA TRP C 83 -12.68 17.22 10.30
C TRP C 83 -11.33 17.87 10.09
N VAL C 84 -10.77 17.66 8.89
CA VAL C 84 -9.47 18.14 8.48
C VAL C 84 -9.61 18.73 7.08
N PRO C 85 -9.05 19.93 6.81
CA PRO C 85 -9.20 20.52 5.49
C PRO C 85 -8.55 19.63 4.43
N ASP C 86 -9.21 19.54 3.28
CA ASP C 86 -8.80 18.68 2.18
C ASP C 86 -7.75 19.40 1.32
N LEU C 87 -6.62 19.78 1.93
CA LEU C 87 -5.58 20.50 1.23
C LEU C 87 -4.87 19.59 0.21
N ALA C 88 -4.57 20.15 -0.95
CA ALA C 88 -3.80 19.51 -1.99
C ALA C 88 -2.78 20.49 -2.56
N ALA C 89 -1.59 19.99 -2.88
CA ALA C 89 -0.63 20.76 -3.66
C ALA C 89 -1.00 20.62 -5.14
N TYR C 90 -1.34 21.75 -5.78
CA TYR C 90 -1.96 21.76 -7.10
C TYR C 90 -0.96 21.31 -8.18
N ASN C 91 0.34 21.49 -7.92
CA ASN C 91 1.36 21.17 -8.90
C ASN C 91 2.21 19.98 -8.41
N ALA C 92 1.67 19.17 -7.50
CA ALA C 92 2.34 17.94 -7.06
C ALA C 92 2.22 16.88 -8.13
N ILE C 93 3.22 16.01 -8.23
CA ILE C 93 3.19 14.91 -9.19
C ILE C 93 3.37 13.59 -8.48
N SER C 94 3.36 13.60 -7.14
CA SER C 94 3.26 12.40 -6.35
C SER C 94 2.28 12.63 -5.21
N LYS C 95 1.74 11.54 -4.64
CA LYS C 95 0.89 11.67 -3.46
C LYS C 95 1.80 12.09 -2.31
N PRO C 96 1.29 12.88 -1.34
CA PRO C 96 2.10 13.28 -0.20
C PRO C 96 2.34 12.05 0.64
N GLU C 97 3.61 11.75 0.91
CA GLU C 97 4.00 10.66 1.79
C GLU C 97 4.14 11.27 3.18
N VAL C 98 3.17 11.00 4.05
CA VAL C 98 3.19 11.51 5.43
C VAL C 98 4.13 10.63 6.24
N LEU C 99 5.17 11.25 6.82
CA LEU C 99 6.25 10.53 7.48
C LEU C 99 5.99 10.36 8.97
N THR C 100 5.15 11.22 9.56
CA THR C 100 5.00 11.31 11.00
C THR C 100 3.66 10.74 11.44
N PRO C 101 3.49 10.43 12.76
CA PRO C 101 2.21 9.95 13.27
C PRO C 101 1.10 10.94 12.97
N GLN C 102 -0.03 10.43 12.49
CA GLN C 102 -1.11 11.26 11.99
C GLN C 102 -2.03 11.69 13.12
N LEU C 103 -1.47 12.51 14.02
CA LEU C 103 -2.17 13.06 15.17
C LEU C 103 -2.19 14.58 15.04
N ALA C 104 -3.33 15.19 15.37
CA ALA C 104 -3.39 16.64 15.51
C ALA C 104 -3.50 17.01 16.97
N ARG C 105 -3.28 18.28 17.27
CA ARG C 105 -3.36 18.77 18.62
C ARG C 105 -4.60 19.64 18.72
N VAL C 106 -5.47 19.36 19.70
CA VAL C 106 -6.72 20.09 19.83
C VAL C 106 -6.69 20.79 21.19
N VAL C 107 -7.06 22.08 21.19
CA VAL C 107 -7.11 22.85 22.42
C VAL C 107 -8.56 22.93 22.88
N SER C 108 -8.78 23.17 24.18
CA SER C 108 -10.11 23.17 24.78
C SER C 108 -11.05 24.18 24.13
N ASP C 109 -10.50 25.22 23.49
CA ASP C 109 -11.29 26.25 22.83
C ASP C 109 -11.70 25.79 21.44
N GLY C 110 -11.05 24.74 20.92
CA GLY C 110 -11.39 24.21 19.60
C GLY C 110 -10.38 24.58 18.51
N GLU C 111 -9.25 25.17 18.91
CA GLU C 111 -8.16 25.41 17.96
C GLU C 111 -7.49 24.07 17.66
N VAL C 112 -7.25 23.81 16.37
CA VAL C 112 -6.62 22.56 15.96
C VAL C 112 -5.30 22.88 15.27
N LEU C 113 -4.27 22.07 15.56
CA LEU C 113 -2.98 22.20 14.90
C LEU C 113 -2.58 20.83 14.37
N TYR C 114 -2.47 20.71 13.05
CA TYR C 114 -2.02 19.49 12.39
C TYR C 114 -0.76 19.86 11.63
N MET C 115 0.33 19.14 11.90
CA MET C 115 1.61 19.46 11.29
C MET C 115 2.37 18.19 10.94
N PRO C 116 1.96 17.51 9.85
CA PRO C 116 2.68 16.34 9.35
C PRO C 116 3.95 16.76 8.62
N SER C 117 5.00 15.94 8.76
CA SER C 117 6.17 16.05 7.91
C SER C 117 5.84 15.30 6.62
N ILE C 118 6.00 15.97 5.48
CA ILE C 118 5.58 15.41 4.20
C ILE C 118 6.79 15.32 3.27
N ARG C 119 6.84 14.24 2.50
CA ARG C 119 7.76 14.14 1.39
C ARG C 119 6.95 14.05 0.11
N GLN C 120 7.24 14.93 -0.84
CA GLN C 120 6.41 15.04 -2.02
C GLN C 120 7.24 15.59 -3.17
N ARG C 121 6.86 15.19 -4.39
CA ARG C 121 7.56 15.59 -5.59
C ARG C 121 6.68 16.61 -6.33
N PHE C 122 7.30 17.67 -6.86
CA PHE C 122 6.57 18.73 -7.53
C PHE C 122 7.12 19.00 -8.94
N SER C 123 6.26 19.58 -9.76
CA SER C 123 6.62 20.18 -11.04
C SER C 123 6.74 21.69 -10.85
N CYS C 124 7.97 22.21 -10.91
CA CYS C 124 8.21 23.63 -10.75
C CYS C 124 9.51 24.04 -11.42
N ASP C 125 9.76 25.35 -11.49
CA ASP C 125 10.91 25.91 -12.20
C ASP C 125 12.19 25.58 -11.43
N VAL C 126 13.04 24.74 -12.04
CA VAL C 126 14.33 24.41 -11.48
C VAL C 126 15.45 25.12 -12.25
N SER C 127 15.10 25.88 -13.28
CA SER C 127 16.13 26.59 -14.04
C SER C 127 16.90 27.49 -13.08
N GLY C 128 18.24 27.45 -13.19
CA GLY C 128 19.10 28.35 -12.46
C GLY C 128 19.49 27.83 -11.07
N VAL C 129 19.23 26.54 -10.81
CA VAL C 129 19.46 25.96 -9.49
C VAL C 129 20.95 25.97 -9.14
N ASP C 130 21.81 25.98 -10.17
CA ASP C 130 23.25 25.86 -10.00
C ASP C 130 23.94 27.21 -10.16
N THR C 131 23.18 28.30 -10.11
CA THR C 131 23.72 29.65 -10.25
C THR C 131 23.71 30.34 -8.90
N GLU C 132 24.19 31.60 -8.86
CA GLU C 132 24.19 32.38 -7.63
C GLU C 132 22.76 32.79 -7.28
N SER C 133 21.94 33.08 -8.30
CA SER C 133 20.57 33.55 -8.08
C SER C 133 19.69 32.39 -7.60
N GLY C 134 20.08 31.17 -7.96
CA GLY C 134 19.34 29.98 -7.57
C GLY C 134 18.07 29.84 -8.41
N ALA C 135 17.31 28.78 -8.12
CA ALA C 135 16.02 28.55 -8.76
C ALA C 135 14.92 29.03 -7.82
N THR C 136 13.76 29.31 -8.39
CA THR C 136 12.57 29.61 -7.60
C THR C 136 11.49 28.62 -7.96
N CYS C 137 11.17 27.72 -7.02
CA CYS C 137 10.16 26.69 -7.21
C CYS C 137 8.88 27.15 -6.49
N ARG C 138 7.79 27.30 -7.25
CA ARG C 138 6.53 27.77 -6.70
C ARG C 138 5.61 26.58 -6.45
N ILE C 139 5.17 26.42 -5.19
CA ILE C 139 4.24 25.38 -4.77
C ILE C 139 2.91 26.03 -4.39
N LYS C 140 1.82 25.65 -5.08
CA LYS C 140 0.48 26.11 -4.75
C LYS C 140 -0.25 25.06 -3.93
N ILE C 141 -0.76 25.44 -2.75
CA ILE C 141 -1.51 24.54 -1.86
C ILE C 141 -2.82 25.20 -1.41
N GLY C 142 -3.93 24.48 -1.60
CA GLY C 142 -5.26 24.97 -1.24
C GLY C 142 -6.25 23.81 -1.15
N SER C 143 -7.52 24.12 -0.81
CA SER C 143 -8.53 23.09 -0.73
C SER C 143 -8.77 22.50 -2.11
N TRP C 144 -9.03 21.20 -2.17
CA TRP C 144 -9.31 20.57 -3.43
C TRP C 144 -10.78 20.73 -3.81
N THR C 145 -11.72 20.66 -2.85
CA THR C 145 -13.15 20.66 -3.15
C THR C 145 -13.93 21.82 -2.51
N HIS C 146 -13.32 22.62 -1.62
CA HIS C 146 -14.05 23.70 -0.96
C HIS C 146 -13.61 25.07 -1.49
N HIS C 147 -14.57 25.80 -2.06
CA HIS C 147 -14.30 27.10 -2.65
C HIS C 147 -14.20 28.18 -1.58
N SER C 148 -13.97 29.42 -2.03
CA SER C 148 -13.61 30.57 -1.22
C SER C 148 -14.65 30.88 -0.14
N ARG C 149 -15.91 30.51 -0.36
CA ARG C 149 -16.99 30.79 0.58
C ARG C 149 -17.02 29.77 1.71
N GLU C 150 -16.32 28.63 1.54
CA GLU C 150 -16.31 27.53 2.50
C GLU C 150 -14.96 27.41 3.18
N ILE C 151 -13.86 27.54 2.41
CA ILE C 151 -12.52 27.56 2.98
C ILE C 151 -11.73 28.72 2.39
N SER C 152 -11.13 29.48 3.30
CA SER C 152 -10.15 30.50 2.98
C SER C 152 -8.81 30.03 3.56
N VAL C 153 -7.74 30.24 2.80
CA VAL C 153 -6.41 29.89 3.27
C VAL C 153 -5.60 31.18 3.38
N ASP C 154 -4.84 31.29 4.48
CA ASP C 154 -4.00 32.44 4.77
C ASP C 154 -2.59 31.95 5.13
N PRO C 155 -1.52 32.56 4.59
CA PRO C 155 -0.17 32.27 5.06
C PRO C 155 0.05 32.85 6.45
N THR C 156 0.47 32.01 7.42
CA THR C 156 1.00 32.50 8.67
C THR C 156 2.50 32.51 8.47
N THR C 157 3.10 33.72 8.46
CA THR C 157 4.48 33.90 8.04
C THR C 157 5.26 34.39 9.25
N GLU C 158 5.31 33.51 10.27
CA GLU C 158 5.73 33.85 11.62
C GLU C 158 7.03 33.10 11.93
N ASN C 159 8.09 33.32 11.13
CA ASN C 159 8.41 34.56 10.44
C ASN C 159 9.20 34.16 9.18
N SER C 160 10.29 34.87 8.91
CA SER C 160 11.04 34.73 7.66
C SER C 160 12.42 34.13 7.91
N ASP C 161 12.48 33.10 8.77
CA ASP C 161 13.74 32.54 9.25
C ASP C 161 14.20 31.50 8.24
N ASP C 162 13.21 30.86 7.58
CA ASP C 162 13.33 30.00 6.41
C ASP C 162 14.22 28.76 6.60
N SER C 163 15.52 28.96 6.81
CA SER C 163 16.48 27.86 6.96
C SER C 163 16.52 27.37 8.41
N GLU C 164 15.50 27.66 9.21
CA GLU C 164 15.62 27.48 10.64
C GLU C 164 15.68 25.99 10.98
N TYR C 165 14.84 25.19 10.30
CA TYR C 165 14.73 23.78 10.55
C TYR C 165 15.29 22.98 9.37
N PHE C 166 15.93 23.65 8.42
CA PHE C 166 16.44 23.01 7.22
C PHE C 166 17.74 22.27 7.49
N SER C 167 17.89 21.10 6.87
CA SER C 167 19.02 20.22 7.13
C SER C 167 20.30 20.92 6.69
N GLN C 168 21.30 20.92 7.58
CA GLN C 168 22.60 21.44 7.21
C GLN C 168 23.30 20.46 6.25
N TYR C 169 22.75 19.25 6.12
CA TYR C 169 23.43 18.16 5.43
C TYR C 169 22.90 17.99 4.01
N SER C 170 21.89 18.77 3.64
CA SER C 170 21.43 18.83 2.27
C SER C 170 22.55 19.39 1.37
N ARG C 171 22.50 19.03 0.07
CA ARG C 171 23.45 19.60 -0.87
C ARG C 171 22.97 20.95 -1.35
N PHE C 172 21.76 21.36 -0.94
CA PHE C 172 21.24 22.66 -1.31
C PHE C 172 21.14 23.56 -0.08
N GLU C 173 20.98 24.87 -0.35
CA GLU C 173 20.70 25.86 0.67
C GLU C 173 19.52 26.71 0.23
N ILE C 174 18.84 27.28 1.24
CA ILE C 174 17.69 28.12 1.00
C ILE C 174 18.12 29.58 1.08
N LEU C 175 17.75 30.35 0.05
CA LEU C 175 18.05 31.76 -0.02
C LEU C 175 16.87 32.56 0.56
N ASP C 176 15.64 32.21 0.16
CA ASP C 176 14.46 32.85 0.71
C ASP C 176 13.22 32.00 0.43
N VAL C 177 12.25 32.10 1.34
CA VAL C 177 10.92 31.52 1.15
C VAL C 177 9.90 32.64 1.35
N THR C 178 8.97 32.79 0.39
CA THR C 178 7.91 33.79 0.51
C THR C 178 6.57 33.14 0.22
N GLN C 179 5.64 33.31 1.17
CA GLN C 179 4.34 32.70 1.14
C GLN C 179 3.31 33.80 0.90
N LYS C 180 2.58 33.73 -0.23
CA LYS C 180 1.56 34.72 -0.54
C LYS C 180 0.25 34.03 -0.91
N LYS C 181 -0.86 34.76 -0.78
CA LYS C 181 -2.19 34.24 -0.98
C LYS C 181 -2.59 34.39 -2.44
N ASN C 182 -3.38 33.45 -2.97
CA ASN C 182 -3.86 33.50 -4.34
C ASN C 182 -5.27 32.93 -4.41
N SER C 183 -5.81 32.87 -5.63
CA SER C 183 -7.20 32.51 -5.84
C SER C 183 -7.39 32.11 -7.30
N VAL C 184 -7.53 30.80 -7.54
CA VAL C 184 -7.67 30.25 -8.88
C VAL C 184 -9.15 30.04 -9.21
N THR C 185 -9.53 30.32 -10.46
CA THR C 185 -10.84 30.03 -10.98
C THR C 185 -10.64 29.25 -12.28
N TYR C 186 -11.63 28.41 -12.64
CA TYR C 186 -11.54 27.58 -13.82
C TYR C 186 -12.70 27.97 -14.74
N SER C 187 -12.44 27.96 -16.05
CA SER C 187 -13.35 28.57 -17.02
C SER C 187 -14.68 27.82 -17.08
N CYS C 188 -14.67 26.54 -16.71
CA CYS C 188 -15.88 25.72 -16.68
C CYS C 188 -16.93 26.33 -15.76
N CYS C 189 -16.50 26.98 -14.66
CA CYS C 189 -17.30 27.06 -13.45
C CYS C 189 -17.04 28.37 -12.71
N PRO C 190 -17.97 28.81 -11.82
CA PRO C 190 -17.88 30.11 -11.17
C PRO C 190 -17.13 30.24 -9.86
N GLU C 191 -16.75 29.10 -9.26
CA GLU C 191 -16.22 29.09 -7.89
C GLU C 191 -14.74 29.45 -7.92
N ALA C 192 -14.26 30.12 -6.87
CA ALA C 192 -12.85 30.44 -6.72
C ALA C 192 -12.23 29.62 -5.59
N TYR C 193 -11.04 29.04 -5.83
CA TYR C 193 -10.40 28.22 -4.82
C TYR C 193 -9.20 28.99 -4.29
N GLU C 194 -9.23 29.32 -3.00
CA GLU C 194 -8.13 30.03 -2.37
C GLU C 194 -6.96 29.08 -2.15
N ASP C 195 -5.73 29.59 -2.39
CA ASP C 195 -4.51 28.82 -2.19
C ASP C 195 -3.43 29.73 -1.60
N VAL C 196 -2.38 29.09 -1.05
CA VAL C 196 -1.14 29.77 -0.71
C VAL C 196 -0.08 29.36 -1.73
N GLU C 197 0.64 30.35 -2.27
CA GLU C 197 1.73 30.10 -3.20
C GLU C 197 3.05 30.26 -2.47
N VAL C 198 3.77 29.13 -2.26
CA VAL C 198 5.04 29.15 -1.57
C VAL C 198 6.18 29.18 -2.59
N SER C 199 6.96 30.26 -2.57
CA SER C 199 8.07 30.44 -3.49
C SER C 199 9.37 30.03 -2.80
N LEU C 200 9.94 28.90 -3.23
CA LEU C 200 11.17 28.40 -2.63
C LEU C 200 12.35 28.79 -3.51
N ASN C 201 13.18 29.71 -3.00
CA ASN C 201 14.36 30.16 -3.71
C ASN C 201 15.55 29.43 -3.10
N PHE C 202 16.17 28.53 -3.87
CA PHE C 202 17.23 27.69 -3.35
C PHE C 202 18.31 27.51 -4.43
N ARG C 203 19.46 26.95 -4.03
CA ARG C 203 20.53 26.71 -4.97
C ARG C 203 21.49 25.67 -4.42
N LYS C 204 22.28 25.08 -5.32
CA LYS C 204 23.29 24.12 -4.94
C LYS C 204 24.34 24.82 -4.08
N LYS C 205 24.83 24.14 -3.04
CA LYS C 205 25.89 24.69 -2.20
C LYS C 205 27.19 24.59 -3.00
N GLY C 206 28.11 25.52 -2.75
CA GLY C 206 29.52 25.28 -3.03
C GLY C 206 29.83 25.40 -4.51
N ARG C 207 29.42 26.52 -5.08
CA ARG C 207 29.50 26.79 -6.50
C ARG C 207 30.94 27.28 -6.78
N SER C 208 31.25 27.49 -8.08
CA SER C 208 32.56 27.98 -8.50
C SER C 208 32.69 29.49 -8.28
N GLU C 209 31.61 30.26 -8.44
CA GLU C 209 31.64 31.72 -8.29
C GLU C 209 30.81 32.10 -7.03
N LEU D 1 -31.48 23.44 7.08
CA LEU D 1 -30.81 22.19 7.55
C LEU D 1 -29.31 22.43 7.66
N ASP D 2 -28.69 21.76 8.63
CA ASP D 2 -27.28 21.94 8.92
C ASP D 2 -26.50 21.00 7.99
N ARG D 3 -25.21 21.28 7.75
CA ARG D 3 -24.41 20.47 6.84
C ARG D 3 -24.31 19.03 7.33
N ALA D 4 -24.38 18.84 8.66
CA ALA D 4 -24.37 17.53 9.30
C ALA D 4 -25.56 16.68 8.83
N ASP D 5 -26.76 17.27 8.89
CA ASP D 5 -27.99 16.63 8.46
C ASP D 5 -27.87 16.24 6.98
N ILE D 6 -27.35 17.15 6.14
CA ILE D 6 -27.22 16.84 4.72
C ILE D 6 -26.35 15.60 4.54
N LEU D 7 -25.24 15.53 5.28
CA LEU D 7 -24.28 14.45 5.07
C LEU D 7 -24.91 13.14 5.55
N TYR D 8 -25.52 13.17 6.75
CA TYR D 8 -26.16 12.02 7.34
C TYR D 8 -27.20 11.47 6.36
N ASN D 9 -28.00 12.34 5.73
CA ASN D 9 -29.02 11.89 4.78
C ASN D 9 -28.38 11.25 3.56
N ILE D 10 -27.27 11.81 3.08
CA ILE D 10 -26.59 11.24 1.93
C ILE D 10 -26.13 9.82 2.25
N ARG D 11 -25.46 9.65 3.41
CA ARG D 11 -25.03 8.35 3.88
C ARG D 11 -26.17 7.34 3.90
N GLN D 12 -27.32 7.74 4.47
CA GLN D 12 -28.38 6.78 4.72
C GLN D 12 -29.09 6.40 3.42
N THR D 13 -29.12 7.27 2.40
CA THR D 13 -29.88 6.96 1.18
C THR D 13 -28.97 6.62 0.00
N SER D 14 -27.67 6.91 0.10
CA SER D 14 -26.69 6.49 -0.89
C SER D 14 -26.45 4.98 -0.87
N ARG D 15 -26.27 4.41 -2.07
CA ARG D 15 -26.02 2.99 -2.20
C ARG D 15 -24.76 2.76 -3.03
N PRO D 16 -23.56 2.74 -2.43
CA PRO D 16 -22.31 2.77 -3.20
C PRO D 16 -22.16 1.66 -4.24
N ASP D 17 -22.88 0.56 -4.06
CA ASP D 17 -22.71 -0.61 -4.91
C ASP D 17 -23.89 -0.78 -5.86
N VAL D 18 -24.77 0.22 -5.92
CA VAL D 18 -25.97 0.14 -6.73
C VAL D 18 -26.01 1.32 -7.70
N ILE D 19 -25.96 0.99 -8.99
CA ILE D 19 -26.00 2.01 -10.02
C ILE D 19 -27.34 2.75 -9.94
N PRO D 20 -27.33 4.10 -9.88
CA PRO D 20 -28.57 4.87 -9.73
C PRO D 20 -29.33 5.20 -11.02
N THR D 21 -29.74 4.13 -11.74
CA THR D 21 -30.51 4.31 -12.97
C THR D 21 -31.89 4.86 -12.60
N GLN D 22 -32.32 5.87 -13.35
CA GLN D 22 -33.71 6.30 -13.36
C GLN D 22 -34.42 5.52 -14.45
N ARG D 23 -35.56 4.90 -14.11
CA ARG D 23 -36.36 4.14 -15.07
C ARG D 23 -35.50 3.01 -15.61
N ASP D 24 -35.53 2.77 -16.93
CA ASP D 24 -34.67 1.78 -17.55
C ASP D 24 -33.61 2.48 -18.40
N ARG D 25 -33.25 3.73 -18.04
CA ARG D 25 -32.32 4.50 -18.82
C ARG D 25 -30.91 4.36 -18.23
N PRO D 26 -29.87 4.50 -19.08
CA PRO D 26 -28.50 4.53 -18.58
C PRO D 26 -28.23 5.75 -17.72
N VAL D 27 -27.23 5.65 -16.86
CA VAL D 27 -26.68 6.79 -16.16
C VAL D 27 -25.75 7.53 -17.13
N ALA D 28 -25.98 8.84 -17.31
CA ALA D 28 -25.16 9.65 -18.18
C ALA D 28 -23.98 10.17 -17.39
N VAL D 29 -22.81 9.55 -17.64
CA VAL D 29 -21.56 10.00 -17.04
C VAL D 29 -20.87 10.90 -18.04
N SER D 30 -20.53 12.13 -17.62
CA SER D 30 -19.69 13.02 -18.41
C SER D 30 -18.23 12.89 -17.95
N VAL D 31 -17.31 12.74 -18.91
CA VAL D 31 -15.91 12.45 -18.63
C VAL D 31 -15.04 13.37 -19.47
N SER D 32 -14.12 14.08 -18.81
CA SER D 32 -13.25 15.02 -19.48
C SER D 32 -11.89 15.05 -18.79
N LEU D 33 -10.82 14.83 -19.56
CA LEU D 33 -9.45 14.88 -19.03
C LEU D 33 -8.89 16.27 -19.27
N LYS D 34 -8.31 16.85 -18.21
CA LYS D 34 -7.52 18.07 -18.31
C LYS D 34 -6.09 17.70 -17.97
N PHE D 35 -5.19 17.80 -18.95
CA PHE D 35 -3.81 17.34 -18.80
C PHE D 35 -3.01 18.39 -18.07
N ILE D 36 -2.25 17.95 -17.06
CA ILE D 36 -1.53 18.86 -16.18
C ILE D 36 -0.03 18.73 -16.46
N ASN D 37 0.40 17.50 -16.75
CA ASN D 37 1.83 17.28 -16.89
C ASN D 37 2.06 16.01 -17.70
N ILE D 38 3.16 16.01 -18.46
CA ILE D 38 3.66 14.80 -19.09
C ILE D 38 5.07 14.57 -18.54
N LEU D 39 5.25 13.43 -17.86
CA LEU D 39 6.38 13.26 -16.96
C LEU D 39 7.48 12.44 -17.62
N GLU D 40 7.10 11.42 -18.37
CA GLU D 40 8.05 10.46 -18.88
C GLU D 40 7.47 9.95 -20.19
N VAL D 41 8.34 9.86 -21.19
CA VAL D 41 7.94 9.46 -22.52
C VAL D 41 9.03 8.53 -23.04
N ASN D 42 8.61 7.48 -23.73
CA ASN D 42 9.55 6.50 -24.27
C ASN D 42 9.13 6.17 -25.69
N GLU D 43 9.89 6.67 -26.68
CA GLU D 43 9.53 6.47 -28.07
C GLU D 43 9.71 5.01 -28.49
N ILE D 44 10.60 4.29 -27.79
CA ILE D 44 10.92 2.91 -28.12
C ILE D 44 9.84 1.97 -27.60
N THR D 45 9.44 2.13 -26.32
CA THR D 45 8.48 1.23 -25.69
C THR D 45 7.05 1.71 -25.95
N ASN D 46 6.88 2.92 -26.49
CA ASN D 46 5.56 3.53 -26.65
C ASN D 46 4.82 3.55 -25.32
N GLU D 47 5.39 4.25 -24.36
CA GLU D 47 4.79 4.41 -23.04
C GLU D 47 4.94 5.87 -22.62
N VAL D 48 3.88 6.41 -22.01
CA VAL D 48 3.91 7.75 -21.45
C VAL D 48 3.37 7.70 -20.03
N ASP D 49 3.89 8.61 -19.20
CA ASP D 49 3.50 8.77 -17.82
C ASP D 49 2.90 10.18 -17.75
N VAL D 50 1.63 10.28 -17.42
CA VAL D 50 0.90 11.55 -17.50
C VAL D 50 0.16 11.82 -16.19
N VAL D 51 -0.04 13.10 -15.91
CA VAL D 51 -0.85 13.56 -14.81
C VAL D 51 -2.02 14.36 -15.39
N PHE D 52 -3.24 14.01 -14.99
CA PHE D 52 -4.41 14.67 -15.53
C PHE D 52 -5.53 14.70 -14.50
N TRP D 53 -6.34 15.76 -14.54
CA TRP D 53 -7.56 15.84 -13.78
C TRP D 53 -8.68 15.15 -14.55
N GLN D 54 -9.32 14.16 -13.93
CA GLN D 54 -10.36 13.39 -14.61
C GLN D 54 -11.73 13.86 -14.16
N ARG D 55 -12.24 14.91 -14.80
CA ARG D 55 -13.50 15.50 -14.41
C ARG D 55 -14.64 14.55 -14.72
N THR D 56 -15.33 14.08 -13.67
CA THR D 56 -16.38 13.08 -13.82
C THR D 56 -17.68 13.62 -13.21
N THR D 57 -18.77 13.52 -13.97
CA THR D 57 -20.05 14.13 -13.63
C THR D 57 -21.16 13.12 -13.88
N TRP D 58 -22.10 12.99 -12.93
CA TRP D 58 -23.28 12.16 -13.14
C TRP D 58 -24.36 12.56 -12.13
N SER D 59 -25.55 11.96 -12.28
CA SER D 59 -26.71 12.29 -11.48
C SER D 59 -27.12 11.11 -10.60
N ASP D 60 -27.41 11.36 -9.32
CA ASP D 60 -28.10 10.42 -8.46
C ASP D 60 -29.22 11.15 -7.72
N ARG D 61 -30.46 11.02 -8.23
CA ARG D 61 -31.55 11.85 -7.72
C ARG D 61 -31.99 11.42 -6.32
N THR D 62 -31.58 10.24 -5.86
CA THR D 62 -31.95 9.78 -4.52
C THR D 62 -31.24 10.62 -3.45
N LEU D 63 -30.18 11.35 -3.85
CA LEU D 63 -29.37 12.11 -2.90
C LEU D 63 -29.99 13.48 -2.61
N ALA D 64 -30.95 13.89 -3.45
CA ALA D 64 -31.43 15.26 -3.46
C ALA D 64 -31.98 15.70 -2.09
N TRP D 65 -31.80 16.98 -1.78
CA TRP D 65 -32.43 17.59 -0.62
C TRP D 65 -32.95 18.98 -1.00
N ASN D 66 -33.58 19.63 -0.01
CA ASN D 66 -34.24 20.92 -0.16
C ASN D 66 -33.31 21.99 0.38
N SER D 67 -32.86 22.90 -0.50
CA SER D 67 -31.74 23.80 -0.22
C SER D 67 -32.15 25.25 -0.39
N SER D 68 -33.42 25.55 -0.05
CA SER D 68 -33.87 26.94 -0.01
C SER D 68 -33.26 27.63 1.21
N HIS D 69 -33.41 27.00 2.39
CA HIS D 69 -32.88 27.52 3.64
C HIS D 69 -31.77 26.58 4.14
N SER D 70 -30.88 26.20 3.22
CA SER D 70 -29.73 25.39 3.57
C SER D 70 -28.73 25.41 2.42
N PRO D 71 -27.48 24.92 2.61
CA PRO D 71 -26.46 24.91 1.56
C PRO D 71 -26.83 24.03 0.37
N ASP D 72 -26.46 24.48 -0.84
CA ASP D 72 -26.89 23.81 -2.06
C ASP D 72 -25.88 22.73 -2.45
N GLN D 73 -24.71 22.73 -1.80
CA GLN D 73 -23.61 21.85 -2.19
C GLN D 73 -22.79 21.42 -0.97
N VAL D 74 -22.34 20.17 -0.96
CA VAL D 74 -21.45 19.69 0.08
C VAL D 74 -20.33 18.83 -0.52
N SER D 75 -19.20 18.78 0.17
CA SER D 75 -18.14 17.84 -0.13
C SER D 75 -18.41 16.50 0.58
N VAL D 76 -18.35 15.40 -0.16
CA VAL D 76 -18.65 14.08 0.37
C VAL D 76 -17.53 13.12 -0.03
N PRO D 77 -17.01 12.27 0.90
CA PRO D 77 -16.06 11.22 0.53
C PRO D 77 -16.69 10.23 -0.45
N ILE D 78 -15.97 9.86 -1.50
CA ILE D 78 -16.52 8.96 -2.52
C ILE D 78 -16.89 7.60 -1.94
N SER D 79 -16.37 7.21 -0.77
CA SER D 79 -16.72 5.91 -0.21
C SER D 79 -18.20 5.87 0.19
N SER D 80 -18.83 7.03 0.34
CA SER D 80 -20.22 7.17 0.70
C SER D 80 -21.15 7.15 -0.52
N LEU D 81 -20.58 7.16 -1.73
CA LEU D 81 -21.30 7.38 -2.97
C LEU D 81 -21.09 6.20 -3.90
N TRP D 82 -22.08 5.93 -4.77
CA TRP D 82 -21.85 5.19 -5.99
C TRP D 82 -21.01 6.04 -6.92
N VAL D 83 -20.01 5.41 -7.54
CA VAL D 83 -19.07 6.05 -8.44
C VAL D 83 -18.91 5.16 -9.66
N PRO D 84 -18.97 5.69 -10.90
CA PRO D 84 -18.83 4.85 -12.09
C PRO D 84 -17.47 4.16 -12.11
N ASP D 85 -17.46 2.90 -12.53
CA ASP D 85 -16.29 2.05 -12.53
C ASP D 85 -15.45 2.29 -13.79
N LEU D 86 -14.99 3.54 -13.94
CA LEU D 86 -14.24 3.93 -15.13
C LEU D 86 -12.85 3.31 -15.09
N ALA D 87 -12.40 2.86 -16.27
CA ALA D 87 -11.06 2.34 -16.48
C ALA D 87 -10.51 2.92 -17.77
N ALA D 88 -9.22 3.27 -17.76
CA ALA D 88 -8.49 3.53 -18.99
C ALA D 88 -8.06 2.21 -19.61
N TYR D 89 -8.58 1.89 -20.80
CA TYR D 89 -8.49 0.57 -21.38
C TYR D 89 -7.05 0.23 -21.78
N ASN D 90 -6.22 1.25 -22.03
CA ASN D 90 -4.86 1.06 -22.50
C ASN D 90 -3.86 1.52 -21.43
N ALA D 91 -4.29 1.60 -20.17
CA ALA D 91 -3.39 1.91 -19.06
C ALA D 91 -2.55 0.68 -18.74
N ILE D 92 -1.31 0.92 -18.27
CA ILE D 92 -0.41 -0.16 -17.93
C ILE D 92 0.10 0.01 -16.49
N SER D 93 -0.49 0.97 -15.76
CA SER D 93 -0.38 1.03 -14.31
C SER D 93 -1.74 1.35 -13.73
N LYS D 94 -1.95 1.05 -12.45
CA LYS D 94 -3.17 1.47 -11.79
C LYS D 94 -3.12 2.97 -11.61
N PRO D 95 -4.28 3.67 -11.63
CA PRO D 95 -4.30 5.12 -11.48
C PRO D 95 -3.89 5.45 -10.07
N GLU D 96 -2.86 6.29 -9.91
CA GLU D 96 -2.44 6.81 -8.63
C GLU D 96 -3.21 8.11 -8.40
N VAL D 97 -4.21 8.08 -7.50
CA VAL D 97 -4.97 9.26 -7.17
C VAL D 97 -4.17 10.14 -6.20
N LEU D 98 -3.91 11.37 -6.61
CA LEU D 98 -2.98 12.28 -5.93
C LEU D 98 -3.71 13.13 -4.88
N THR D 99 -5.02 13.35 -5.08
CA THR D 99 -5.76 14.38 -4.36
C THR D 99 -6.72 13.74 -3.35
N PRO D 100 -7.25 14.52 -2.38
CA PRO D 100 -8.26 14.03 -1.44
C PRO D 100 -9.47 13.49 -2.20
N GLN D 101 -9.92 12.31 -1.80
CA GLN D 101 -10.96 11.60 -2.52
C GLN D 101 -12.33 12.03 -2.03
N LEU D 102 -12.64 13.31 -2.33
CA LEU D 102 -13.95 13.89 -2.05
C LEU D 102 -14.62 14.25 -3.37
N ALA D 103 -15.93 14.01 -3.45
CA ALA D 103 -16.73 14.54 -4.54
C ALA D 103 -17.60 15.67 -4.03
N ARG D 104 -18.21 16.37 -4.98
CA ARG D 104 -19.07 17.48 -4.64
C ARG D 104 -20.49 17.05 -5.01
N VAL D 105 -21.43 17.17 -4.07
CA VAL D 105 -22.80 16.78 -4.33
C VAL D 105 -23.69 18.02 -4.23
N VAL D 106 -24.56 18.19 -5.23
CA VAL D 106 -25.44 19.35 -5.29
C VAL D 106 -26.82 18.89 -4.83
N SER D 107 -27.66 19.84 -4.36
CA SER D 107 -28.96 19.56 -3.78
C SER D 107 -29.89 18.82 -4.75
N ASP D 108 -29.64 18.94 -6.06
CA ASP D 108 -30.45 18.29 -7.07
C ASP D 108 -29.98 16.85 -7.27
N GLY D 109 -28.79 16.51 -6.78
CA GLY D 109 -28.26 15.17 -6.88
C GLY D 109 -27.16 15.03 -7.94
N GLU D 110 -26.70 16.16 -8.51
CA GLU D 110 -25.54 16.14 -9.39
C GLU D 110 -24.30 15.87 -8.55
N VAL D 111 -23.44 14.99 -9.06
CA VAL D 111 -22.19 14.68 -8.40
C VAL D 111 -21.04 15.10 -9.31
N LEU D 112 -19.98 15.67 -8.73
CA LEU D 112 -18.79 16.03 -9.47
C LEU D 112 -17.57 15.46 -8.75
N TYR D 113 -16.90 14.51 -9.39
CA TYR D 113 -15.68 13.93 -8.86
C TYR D 113 -14.56 14.23 -9.84
N MET D 114 -13.49 14.85 -9.34
CA MET D 114 -12.39 15.26 -10.18
C MET D 114 -11.06 15.03 -9.47
N PRO D 115 -10.60 13.77 -9.41
CA PRO D 115 -9.28 13.44 -8.87
C PRO D 115 -8.18 13.82 -9.86
N SER D 116 -7.03 14.29 -9.33
CA SER D 116 -5.82 14.38 -10.11
C SER D 116 -5.19 12.99 -10.15
N ILE D 117 -4.93 12.48 -11.36
CA ILE D 117 -4.46 11.12 -11.51
C ILE D 117 -3.08 11.14 -12.19
N ARG D 118 -2.20 10.25 -11.72
CA ARG D 118 -0.97 9.96 -12.43
C ARG D 118 -1.03 8.51 -12.88
N GLN D 119 -0.81 8.29 -14.18
CA GLN D 119 -1.01 6.97 -14.73
C GLN D 119 -0.10 6.82 -15.95
N ARG D 120 0.28 5.56 -16.22
CA ARG D 120 1.14 5.25 -17.33
C ARG D 120 0.32 4.55 -18.41
N PHE D 121 0.53 4.91 -19.67
CA PHE D 121 -0.25 4.35 -20.78
C PHE D 121 0.64 3.78 -21.88
N SER D 122 0.05 2.84 -22.62
CA SER D 122 0.58 2.32 -23.87
C SER D 122 -0.13 3.03 -25.02
N CYS D 123 0.60 3.90 -25.73
CA CYS D 123 0.02 4.62 -26.86
C CYS D 123 1.14 5.06 -27.82
N ASP D 124 0.76 5.62 -28.97
CA ASP D 124 1.70 5.95 -30.03
C ASP D 124 2.52 7.17 -29.63
N VAL D 125 3.82 6.95 -29.43
CA VAL D 125 4.75 8.03 -29.11
C VAL D 125 5.64 8.35 -30.31
N SER D 126 5.43 7.66 -31.44
CA SER D 126 6.23 7.95 -32.61
C SER D 126 6.04 9.42 -33.00
N GLY D 127 7.15 10.11 -33.29
CA GLY D 127 7.12 11.47 -33.80
C GLY D 127 7.09 12.53 -32.69
N VAL D 128 7.36 12.12 -31.45
CA VAL D 128 7.27 13.01 -30.30
C VAL D 128 8.29 14.14 -30.40
N ASP D 129 9.38 13.94 -31.14
CA ASP D 129 10.47 14.89 -31.23
C ASP D 129 10.43 15.71 -32.53
N THR D 130 9.30 15.64 -33.25
CA THR D 130 9.15 16.32 -34.53
C THR D 130 8.23 17.52 -34.38
N GLU D 131 8.00 18.25 -35.46
CA GLU D 131 7.10 19.38 -35.47
C GLU D 131 5.66 18.89 -35.31
N SER D 132 5.32 17.76 -35.94
CA SER D 132 3.96 17.25 -35.94
C SER D 132 3.62 16.68 -34.57
N GLY D 133 4.64 16.24 -33.83
CA GLY D 133 4.45 15.69 -32.50
C GLY D 133 3.90 14.27 -32.59
N ALA D 134 3.68 13.65 -31.42
CA ALA D 134 3.03 12.36 -31.35
C ALA D 134 1.56 12.54 -31.00
N THR D 135 0.74 11.53 -31.31
CA THR D 135 -0.66 11.52 -30.91
C THR D 135 -0.91 10.27 -30.08
N CYS D 136 -1.13 10.46 -28.77
CA CYS D 136 -1.39 9.36 -27.84
C CYS D 136 -2.90 9.29 -27.57
N ARG D 137 -3.50 8.15 -27.88
CA ARG D 137 -4.95 8.00 -27.68
C ARG D 137 -5.22 7.21 -26.39
N ILE D 138 -5.99 7.83 -25.49
CA ILE D 138 -6.41 7.20 -24.24
C ILE D 138 -7.91 6.92 -24.29
N LYS D 139 -8.30 5.65 -24.17
CA LYS D 139 -9.70 5.24 -24.15
C LYS D 139 -10.12 5.01 -22.70
N ILE D 140 -11.22 5.67 -22.26
CA ILE D 140 -11.74 5.56 -20.90
C ILE D 140 -13.24 5.30 -20.94
N GLY D 141 -13.68 4.24 -20.24
CA GLY D 141 -15.08 3.84 -20.20
C GLY D 141 -15.36 2.96 -18.99
N SER D 142 -16.62 2.56 -18.81
CA SER D 142 -16.98 1.66 -17.73
C SER D 142 -16.32 0.31 -17.99
N TRP D 143 -15.89 -0.37 -16.92
CA TRP D 143 -15.27 -1.67 -17.07
C TRP D 143 -16.35 -2.75 -17.14
N THR D 144 -17.43 -2.65 -16.33
CA THR D 144 -18.41 -3.72 -16.22
C THR D 144 -19.83 -3.30 -16.64
N HIS D 145 -20.10 -2.01 -16.91
CA HIS D 145 -21.46 -1.58 -17.26
C HIS D 145 -21.56 -1.22 -18.74
N HIS D 146 -22.43 -1.93 -19.46
CA HIS D 146 -22.60 -1.73 -20.89
C HIS D 146 -23.50 -0.52 -21.17
N SER D 147 -23.75 -0.28 -22.46
CA SER D 147 -24.36 0.92 -23.00
C SER D 147 -25.75 1.19 -22.43
N ARG D 148 -26.44 0.13 -22.01
CA ARG D 148 -27.80 0.26 -21.48
C ARG D 148 -27.79 0.73 -20.03
N GLU D 149 -26.63 0.63 -19.35
CA GLU D 149 -26.50 0.92 -17.92
C GLU D 149 -25.66 2.18 -17.70
N ILE D 150 -24.57 2.32 -18.46
CA ILE D 150 -23.77 3.54 -18.43
C ILE D 150 -23.48 3.99 -19.85
N SER D 151 -23.73 5.28 -20.09
CA SER D 151 -23.28 6.00 -21.27
C SER D 151 -22.24 7.02 -20.83
N VAL D 152 -21.17 7.18 -21.61
CA VAL D 152 -20.16 8.17 -21.33
C VAL D 152 -20.15 9.17 -22.49
N ASP D 153 -20.07 10.46 -22.15
CA ASP D 153 -20.12 11.55 -23.12
C ASP D 153 -18.99 12.54 -22.82
N PRO D 154 -18.23 13.01 -23.82
CA PRO D 154 -17.24 14.07 -23.61
C PRO D 154 -17.95 15.39 -23.33
N THR D 155 -17.57 16.06 -22.23
CA THR D 155 -18.32 17.19 -21.71
C THR D 155 -18.56 18.20 -22.82
N THR D 156 -19.75 18.81 -22.80
CA THR D 156 -20.11 19.83 -23.75
C THR D 156 -19.16 21.04 -23.66
N GLU D 157 -18.54 21.28 -22.49
CA GLU D 157 -17.33 22.07 -22.37
C GLU D 157 -16.21 21.50 -23.26
N ASN D 158 -16.13 22.03 -24.48
CA ASN D 158 -15.11 21.67 -25.46
C ASN D 158 -14.06 22.78 -25.47
N SER D 159 -13.56 23.14 -24.29
CA SER D 159 -12.70 24.33 -24.16
C SER D 159 -11.23 23.97 -24.35
N ASP D 160 -10.34 24.35 -23.41
CA ASP D 160 -8.94 23.94 -23.48
C ASP D 160 -8.68 22.92 -22.37
N ASP D 161 -8.11 21.79 -22.80
CA ASP D 161 -7.55 20.77 -21.91
C ASP D 161 -6.16 21.28 -21.51
N SER D 162 -5.64 22.21 -22.32
CA SER D 162 -4.52 23.09 -21.99
C SER D 162 -4.94 24.20 -21.03
N GLU D 163 -4.14 25.26 -20.90
CA GLU D 163 -4.49 26.29 -19.93
C GLU D 163 -4.29 25.76 -18.50
N TYR D 164 -4.34 24.45 -18.28
CA TYR D 164 -4.06 23.89 -16.96
C TYR D 164 -2.71 23.17 -16.94
N PHE D 165 -2.07 23.10 -18.11
CA PHE D 165 -0.87 22.29 -18.31
C PHE D 165 0.34 23.02 -17.79
N SER D 166 1.27 22.27 -17.19
CA SER D 166 2.45 22.86 -16.56
C SER D 166 3.29 23.55 -17.62
N GLN D 167 3.66 24.81 -17.36
CA GLN D 167 4.57 25.51 -18.24
C GLN D 167 5.99 24.93 -18.08
N TYR D 168 6.20 24.14 -17.02
CA TYR D 168 7.52 23.71 -16.60
C TYR D 168 7.84 22.31 -17.12
N SER D 169 6.86 21.64 -17.73
CA SER D 169 7.08 20.38 -18.39
C SER D 169 8.05 20.56 -19.55
N ARG D 170 8.73 19.47 -19.92
CA ARG D 170 9.63 19.43 -21.06
C ARG D 170 8.83 19.34 -22.34
N PHE D 171 7.53 19.04 -22.24
CA PHE D 171 6.69 18.86 -23.41
C PHE D 171 5.67 20.00 -23.49
N GLU D 172 5.05 20.10 -24.67
CA GLU D 172 3.99 21.04 -24.98
C GLU D 172 2.82 20.30 -25.61
N ILE D 173 1.60 20.81 -25.41
CA ILE D 173 0.42 20.25 -26.02
C ILE D 173 0.07 21.08 -27.26
N LEU D 174 -0.15 20.37 -28.38
CA LEU D 174 -0.56 20.99 -29.62
C LEU D 174 -2.08 20.99 -29.73
N ASP D 175 -2.71 19.84 -29.44
CA ASP D 175 -4.16 19.73 -29.51
C ASP D 175 -4.63 18.53 -28.69
N VAL D 176 -5.83 18.67 -28.11
CA VAL D 176 -6.52 17.57 -27.47
C VAL D 176 -7.91 17.48 -28.09
N THR D 177 -8.32 16.27 -28.51
CA THR D 177 -9.67 16.08 -29.02
C THR D 177 -10.30 14.87 -28.33
N GLN D 178 -11.50 15.10 -27.77
CA GLN D 178 -12.23 14.11 -27.00
C GLN D 178 -13.45 13.70 -27.80
N LYS D 179 -13.53 12.41 -28.15
CA LYS D 179 -14.58 11.86 -29.00
C LYS D 179 -15.23 10.65 -28.31
N LYS D 180 -16.49 10.36 -28.63
CA LYS D 180 -17.20 9.22 -28.08
C LYS D 180 -16.95 8.00 -28.96
N ASN D 181 -16.85 6.81 -28.33
CA ASN D 181 -16.71 5.56 -29.07
C ASN D 181 -17.52 4.46 -28.37
N SER D 182 -17.45 3.25 -28.92
CA SER D 182 -18.34 2.19 -28.48
C SER D 182 -17.81 0.84 -28.95
N VAL D 183 -17.13 0.13 -28.02
CA VAL D 183 -16.42 -1.10 -28.35
C VAL D 183 -17.29 -2.29 -27.94
N THR D 184 -17.21 -3.35 -28.74
CA THR D 184 -17.92 -4.59 -28.50
C THR D 184 -16.88 -5.71 -28.51
N TYR D 185 -17.20 -6.82 -27.82
CA TYR D 185 -16.27 -7.94 -27.74
C TYR D 185 -16.94 -9.17 -28.38
N SER D 186 -16.14 -9.97 -29.09
CA SER D 186 -16.67 -11.02 -29.95
C SER D 186 -17.40 -12.08 -29.14
N CYS D 187 -17.06 -12.22 -27.85
CA CYS D 187 -17.73 -13.18 -26.97
C CYS D 187 -19.24 -12.93 -26.92
N CYS D 188 -19.65 -11.65 -26.98
CA CYS D 188 -20.90 -11.22 -26.39
C CYS D 188 -21.50 -10.04 -27.19
N PRO D 189 -22.81 -9.73 -27.03
CA PRO D 189 -23.46 -8.68 -27.83
C PRO D 189 -23.43 -7.25 -27.29
N GLU D 190 -22.98 -7.06 -26.05
CA GLU D 190 -23.14 -5.78 -25.38
C GLU D 190 -22.02 -4.83 -25.80
N ALA D 191 -22.34 -3.52 -25.81
CA ALA D 191 -21.37 -2.50 -26.17
C ALA D 191 -20.97 -1.67 -24.96
N TYR D 192 -19.67 -1.36 -24.85
CA TYR D 192 -19.16 -0.54 -23.77
C TYR D 192 -18.81 0.83 -24.35
N GLU D 193 -19.49 1.86 -23.87
CA GLU D 193 -19.24 3.21 -24.32
C GLU D 193 -17.96 3.72 -23.66
N ASP D 194 -17.15 4.45 -24.45
CA ASP D 194 -15.92 5.05 -23.96
C ASP D 194 -15.76 6.44 -24.56
N VAL D 195 -14.87 7.23 -23.95
CA VAL D 195 -14.36 8.46 -24.52
C VAL D 195 -12.92 8.23 -24.97
N GLU D 196 -12.60 8.62 -26.20
CA GLU D 196 -11.25 8.48 -26.75
C GLU D 196 -10.59 9.85 -26.74
N VAL D 197 -9.59 10.03 -25.88
CA VAL D 197 -8.90 11.31 -25.76
C VAL D 197 -7.60 11.25 -26.56
N SER D 198 -7.49 12.09 -27.59
CA SER D 198 -6.34 12.10 -28.48
C SER D 198 -5.40 13.22 -28.08
N LEU D 199 -4.25 12.88 -27.48
CA LEU D 199 -3.32 13.86 -26.98
C LEU D 199 -2.18 14.06 -27.99
N ASN D 200 -2.18 15.23 -28.64
CA ASN D 200 -1.15 15.57 -29.61
C ASN D 200 -0.14 16.47 -28.88
N PHE D 201 1.09 15.96 -28.68
CA PHE D 201 2.10 16.68 -27.93
C PHE D 201 3.46 16.48 -28.57
N ARG D 202 4.45 17.26 -28.11
CA ARG D 202 5.81 17.10 -28.59
C ARG D 202 6.79 17.70 -27.59
N LYS D 203 8.06 17.29 -27.71
CA LYS D 203 9.13 17.84 -26.89
C LYS D 203 9.31 19.31 -27.26
N LYS D 204 9.55 20.16 -26.26
CA LYS D 204 9.79 21.57 -26.50
C LYS D 204 11.17 21.73 -27.12
N GLY D 205 11.33 22.73 -27.99
CA GLY D 205 12.62 23.03 -28.58
C GLY D 205 12.93 22.13 -29.77
N ARG D 206 14.07 22.42 -30.42
CA ARG D 206 14.44 21.87 -31.72
C ARG D 206 13.81 20.49 -31.95
N SER E 1 -41.78 -6.36 -10.11
CA SER E 1 -40.61 -5.81 -10.85
C SER E 1 -39.42 -5.63 -9.91
N LEU E 2 -38.43 -6.56 -9.96
CA LEU E 2 -37.24 -6.46 -9.12
C LEU E 2 -36.31 -5.37 -9.67
N ASP E 3 -35.55 -4.73 -8.74
CA ASP E 3 -34.61 -3.70 -9.15
C ASP E 3 -33.20 -4.17 -8.80
N ARG E 4 -32.21 -3.38 -9.23
CA ARG E 4 -30.83 -3.80 -9.08
C ARG E 4 -30.47 -3.91 -7.59
N ALA E 5 -31.12 -3.08 -6.75
CA ALA E 5 -30.88 -3.07 -5.32
C ALA E 5 -31.32 -4.40 -4.71
N ASP E 6 -32.54 -4.85 -5.04
CA ASP E 6 -33.07 -6.12 -4.58
C ASP E 6 -32.16 -7.28 -4.99
N ILE E 7 -31.67 -7.23 -6.22
CA ILE E 7 -30.82 -8.30 -6.71
C ILE E 7 -29.55 -8.37 -5.88
N LEU E 8 -28.98 -7.20 -5.55
CA LEU E 8 -27.71 -7.16 -4.81
C LEU E 8 -27.98 -7.65 -3.38
N TYR E 9 -29.05 -7.16 -2.77
CA TYR E 9 -29.42 -7.54 -1.41
C TYR E 9 -29.58 -9.05 -1.32
N ASN E 10 -30.20 -9.69 -2.31
CA ASN E 10 -30.34 -11.15 -2.32
C ASN E 10 -28.98 -11.83 -2.40
N ILE E 11 -28.10 -11.30 -3.26
CA ILE E 11 -26.77 -11.86 -3.39
C ILE E 11 -26.04 -11.79 -2.04
N ARG E 12 -26.05 -10.62 -1.39
CA ARG E 12 -25.45 -10.43 -0.06
C ARG E 12 -25.97 -11.44 0.94
N GLN E 13 -27.29 -11.67 0.99
CA GLN E 13 -27.89 -12.52 2.01
C GLN E 13 -27.53 -13.98 1.79
N THR E 14 -27.31 -14.44 0.54
CA THR E 14 -27.06 -15.85 0.31
C THR E 14 -25.58 -16.12 -0.01
N SER E 15 -24.83 -15.12 -0.46
CA SER E 15 -23.45 -15.33 -0.87
C SER E 15 -22.52 -15.33 0.34
N ARG E 16 -21.54 -16.21 0.34
CA ARG E 16 -20.65 -16.41 1.45
C ARG E 16 -19.22 -16.31 0.91
N PRO E 17 -18.58 -15.13 0.92
CA PRO E 17 -17.31 -14.93 0.23
C PRO E 17 -16.18 -15.89 0.57
N ASP E 18 -16.25 -16.50 1.75
CA ASP E 18 -15.17 -17.35 2.23
C ASP E 18 -15.58 -18.82 2.17
N VAL E 19 -16.71 -19.13 1.52
CA VAL E 19 -17.22 -20.48 1.45
C VAL E 19 -17.39 -20.89 -0.02
N ILE E 20 -16.66 -21.91 -0.42
CA ILE E 20 -16.74 -22.40 -1.79
C ILE E 20 -18.16 -22.92 -2.03
N PRO E 21 -18.83 -22.50 -3.12
CA PRO E 21 -20.21 -22.95 -3.38
C PRO E 21 -20.33 -24.29 -4.10
N THR E 22 -19.78 -25.36 -3.50
CA THR E 22 -19.90 -26.70 -4.07
C THR E 22 -21.35 -27.14 -3.98
N GLN E 23 -21.84 -27.67 -5.10
CA GLN E 23 -23.11 -28.38 -5.18
C GLN E 23 -22.81 -29.86 -4.92
N ARG E 24 -23.50 -30.48 -3.96
CA ARG E 24 -23.25 -31.86 -3.59
C ARG E 24 -21.78 -32.01 -3.20
N ASP E 25 -21.11 -33.08 -3.68
CA ASP E 25 -19.67 -33.23 -3.45
C ASP E 25 -18.91 -33.02 -4.75
N ARG E 26 -19.45 -32.19 -5.65
CA ARG E 26 -18.85 -31.99 -6.95
C ARG E 26 -18.01 -30.72 -6.94
N PRO E 27 -16.93 -30.68 -7.75
CA PRO E 27 -16.10 -29.48 -7.84
C PRO E 27 -16.85 -28.33 -8.48
N VAL E 28 -16.41 -27.12 -8.18
CA VAL E 28 -16.84 -25.93 -8.89
C VAL E 28 -16.02 -25.83 -10.17
N ALA E 29 -16.71 -25.71 -11.30
CA ALA E 29 -16.05 -25.64 -12.59
C ALA E 29 -15.69 -24.19 -12.92
N VAL E 30 -14.41 -23.84 -12.74
CA VAL E 30 -13.91 -22.52 -13.06
C VAL E 30 -13.31 -22.56 -14.46
N SER E 31 -13.77 -21.67 -15.34
CA SER E 31 -13.17 -21.46 -16.64
C SER E 31 -12.20 -20.27 -16.57
N VAL E 32 -11.00 -20.47 -17.13
CA VAL E 32 -9.94 -19.46 -17.09
C VAL E 32 -9.37 -19.25 -18.48
N SER E 33 -9.33 -18.00 -18.92
CA SER E 33 -8.78 -17.65 -20.22
C SER E 33 -8.07 -16.28 -20.14
N LEU E 34 -6.80 -16.24 -20.59
CA LEU E 34 -6.05 -15.01 -20.66
C LEU E 34 -6.18 -14.41 -22.06
N LYS E 35 -6.49 -13.11 -22.10
CA LYS E 35 -6.38 -12.31 -23.30
C LYS E 35 -5.24 -11.30 -23.08
N PHE E 36 -4.17 -11.43 -23.85
CA PHE E 36 -2.96 -10.64 -23.66
C PHE E 36 -3.16 -9.26 -24.27
N ILE E 37 -2.79 -8.23 -23.52
CA ILE E 37 -3.03 -6.85 -23.93
C ILE E 37 -1.69 -6.20 -24.24
N ASN E 38 -0.66 -6.55 -23.47
CA ASN E 38 0.63 -5.91 -23.65
C ASN E 38 1.73 -6.80 -23.10
N ILE E 39 2.91 -6.70 -23.72
CA ILE E 39 4.13 -7.24 -23.16
C ILE E 39 5.09 -6.07 -23.00
N LEU E 40 5.45 -5.78 -21.75
CA LEU E 40 5.98 -4.48 -21.38
C LEU E 40 7.49 -4.51 -21.27
N GLU E 41 8.00 -5.58 -20.70
CA GLU E 41 9.41 -5.64 -20.38
C GLU E 41 9.80 -7.10 -20.52
N VAL E 42 10.93 -7.31 -21.16
CA VAL E 42 11.40 -8.65 -21.45
C VAL E 42 12.90 -8.64 -21.19
N ASN E 43 13.38 -9.72 -20.58
CA ASN E 43 14.78 -9.81 -20.23
C ASN E 43 15.27 -11.20 -20.58
N GLU E 44 16.06 -11.31 -21.66
CA GLU E 44 16.51 -12.60 -22.15
C GLU E 44 17.55 -13.21 -21.20
N ILE E 45 18.22 -12.34 -20.43
CA ILE E 45 19.27 -12.75 -19.50
C ILE E 45 18.67 -13.34 -18.23
N THR E 46 17.69 -12.65 -17.62
CA THR E 46 17.09 -13.08 -16.37
C THR E 46 15.92 -14.04 -16.62
N ASN E 47 15.47 -14.17 -17.86
CA ASN E 47 14.24 -14.89 -18.18
C ASN E 47 13.07 -14.40 -17.34
N GLU E 48 12.74 -13.12 -17.53
CA GLU E 48 11.62 -12.51 -16.85
C GLU E 48 10.87 -11.64 -17.86
N VAL E 49 9.53 -11.70 -17.79
CA VAL E 49 8.68 -10.87 -18.62
C VAL E 49 7.64 -10.20 -17.73
N ASP E 50 7.25 -9.01 -18.16
CA ASP E 50 6.24 -8.21 -17.49
C ASP E 50 5.09 -8.09 -18.49
N VAL E 51 3.93 -8.63 -18.13
CA VAL E 51 2.82 -8.75 -19.07
C VAL E 51 1.54 -8.17 -18.48
N VAL E 52 0.67 -7.70 -19.36
CA VAL E 52 -0.66 -7.21 -19.00
C VAL E 52 -1.68 -8.08 -19.73
N PHE E 53 -2.63 -8.62 -18.99
CA PHE E 53 -3.61 -9.51 -19.59
C PHE E 53 -4.93 -9.40 -18.84
N TRP E 54 -6.03 -9.59 -19.59
CA TRP E 54 -7.34 -9.78 -19.01
C TRP E 54 -7.52 -11.24 -18.63
N GLN E 55 -7.82 -11.48 -17.35
CA GLN E 55 -7.96 -12.84 -16.86
C GLN E 55 -9.43 -13.19 -16.73
N ARG E 56 -10.02 -13.64 -17.84
CA ARG E 56 -11.45 -13.93 -17.86
C ARG E 56 -11.70 -15.16 -17.00
N THR E 57 -12.49 -14.98 -15.93
CA THR E 57 -12.77 -16.04 -14.97
C THR E 57 -14.29 -16.23 -14.89
N THR E 58 -14.73 -17.48 -15.01
CA THR E 58 -16.13 -17.84 -15.10
C THR E 58 -16.41 -19.01 -14.18
N TRP E 59 -17.51 -18.94 -13.42
CA TRP E 59 -17.98 -20.06 -12.62
C TRP E 59 -19.44 -19.86 -12.28
N SER E 60 -20.04 -20.88 -11.65
CA SER E 60 -21.46 -20.90 -11.38
C SER E 60 -21.71 -20.88 -9.87
N ASP E 61 -22.67 -20.06 -9.41
CA ASP E 61 -23.26 -20.20 -8.08
C ASP E 61 -24.79 -20.11 -8.21
N ARG E 62 -25.47 -21.26 -8.24
CA ARG E 62 -26.90 -21.27 -8.54
C ARG E 62 -27.73 -20.72 -7.38
N THR E 63 -27.16 -20.55 -6.18
CA THR E 63 -27.90 -19.98 -5.07
C THR E 63 -28.20 -18.50 -5.33
N LEU E 64 -27.46 -17.88 -6.26
CA LEU E 64 -27.58 -16.45 -6.52
C LEU E 64 -28.71 -16.16 -7.49
N ALA E 65 -29.21 -17.19 -8.18
CA ALA E 65 -30.14 -17.01 -9.30
C ALA E 65 -31.39 -16.26 -8.89
N TRP E 66 -31.93 -15.47 -9.82
CA TRP E 66 -33.23 -14.81 -9.66
C TRP E 66 -34.01 -14.87 -10.97
N ASN E 67 -35.22 -14.31 -10.95
CA ASN E 67 -36.15 -14.33 -12.06
C ASN E 67 -36.09 -12.97 -12.75
N SER E 68 -35.67 -12.97 -14.03
CA SER E 68 -35.29 -11.75 -14.73
C SER E 68 -36.14 -11.55 -15.99
N SER E 69 -37.41 -11.95 -15.91
CA SER E 69 -38.34 -11.68 -17.00
C SER E 69 -38.70 -10.19 -17.00
N HIS E 70 -39.12 -9.68 -15.83
CA HIS E 70 -39.50 -8.27 -15.68
C HIS E 70 -38.48 -7.59 -14.76
N SER E 71 -37.20 -7.88 -14.98
CA SER E 71 -36.13 -7.27 -14.19
C SER E 71 -34.80 -7.46 -14.91
N PRO E 72 -33.72 -6.78 -14.48
CA PRO E 72 -32.42 -6.87 -15.15
C PRO E 72 -31.79 -8.27 -15.07
N ASP E 73 -31.11 -8.69 -16.15
CA ASP E 73 -30.66 -10.07 -16.29
C ASP E 73 -29.28 -10.24 -15.66
N GLN E 74 -28.61 -9.10 -15.40
CA GLN E 74 -27.23 -9.04 -14.97
C GLN E 74 -27.01 -7.84 -14.06
N VAL E 75 -26.15 -8.00 -13.06
CA VAL E 75 -25.73 -6.87 -12.24
C VAL E 75 -24.23 -6.91 -12.02
N SER E 76 -23.65 -5.71 -11.83
CA SER E 76 -22.26 -5.58 -11.41
C SER E 76 -22.20 -5.62 -9.88
N VAL E 77 -21.30 -6.46 -9.36
CA VAL E 77 -21.21 -6.71 -7.93
C VAL E 77 -19.74 -6.62 -7.53
N PRO E 78 -19.38 -5.90 -6.44
CA PRO E 78 -18.01 -5.93 -5.92
C PRO E 78 -17.63 -7.33 -5.49
N ILE E 79 -16.41 -7.76 -5.83
CA ILE E 79 -15.99 -9.13 -5.53
C ILE E 79 -15.94 -9.38 -4.03
N SER E 80 -15.90 -8.34 -3.19
CA SER E 80 -15.89 -8.57 -1.75
C SER E 80 -17.21 -9.15 -1.28
N SER E 81 -18.27 -9.07 -2.09
CA SER E 81 -19.59 -9.61 -1.77
C SER E 81 -19.77 -11.03 -2.27
N LEU E 82 -18.79 -11.57 -3.01
CA LEU E 82 -18.92 -12.85 -3.68
C LEU E 82 -17.78 -13.77 -3.23
N TRP E 83 -18.01 -15.07 -3.27
CA TRP E 83 -16.92 -16.03 -3.33
C TRP E 83 -16.28 -15.94 -4.71
N VAL E 84 -14.95 -15.96 -4.72
CA VAL E 84 -14.13 -15.86 -5.91
C VAL E 84 -13.03 -16.92 -5.82
N PRO E 85 -12.77 -17.69 -6.89
CA PRO E 85 -11.74 -18.74 -6.83
C PRO E 85 -10.37 -18.13 -6.55
N ASP E 86 -9.61 -18.82 -5.71
CA ASP E 86 -8.33 -18.35 -5.21
C ASP E 86 -7.23 -18.68 -6.22
N LEU E 87 -7.35 -18.14 -7.43
CA LEU E 87 -6.41 -18.40 -8.50
C LEU E 87 -5.06 -17.75 -8.21
N ALA E 88 -4.00 -18.49 -8.53
CA ALA E 88 -2.63 -17.98 -8.46
C ALA E 88 -1.87 -18.40 -9.72
N ALA E 89 -1.04 -17.50 -10.23
CA ALA E 89 -0.07 -17.86 -11.25
C ALA E 89 1.15 -18.47 -10.55
N TYR E 90 1.42 -19.75 -10.83
CA TYR E 90 2.37 -20.56 -10.08
C TYR E 90 3.81 -20.07 -10.33
N ASN E 91 4.07 -19.43 -11.47
CA ASN E 91 5.41 -19.01 -11.84
C ASN E 91 5.54 -17.49 -11.82
N ALA E 92 4.61 -16.80 -11.14
CA ALA E 92 4.71 -15.35 -10.99
C ALA E 92 5.80 -15.00 -9.97
N ILE E 93 6.43 -13.84 -10.16
CA ILE E 93 7.47 -13.36 -9.26
C ILE E 93 7.13 -11.98 -8.74
N SER E 94 5.92 -11.51 -9.04
CA SER E 94 5.35 -10.34 -8.41
C SER E 94 3.88 -10.62 -8.12
N LYS E 95 3.30 -9.90 -7.16
CA LYS E 95 1.87 -10.03 -6.91
C LYS E 95 1.14 -9.40 -8.09
N PRO E 96 -0.06 -9.89 -8.44
CA PRO E 96 -0.81 -9.35 -9.57
C PRO E 96 -1.25 -7.96 -9.19
N GLU E 97 -0.90 -6.98 -10.03
CA GLU E 97 -1.39 -5.60 -9.91
C GLU E 97 -2.69 -5.52 -10.71
N VAL E 98 -3.83 -5.49 -10.01
CA VAL E 98 -5.14 -5.39 -10.66
C VAL E 98 -5.37 -3.94 -11.05
N LEU E 99 -5.57 -3.69 -12.35
CA LEU E 99 -5.60 -2.36 -12.91
C LEU E 99 -7.02 -1.81 -12.97
N THR E 100 -8.03 -2.68 -12.97
CA THR E 100 -9.41 -2.30 -13.23
C THR E 100 -10.23 -2.38 -11.95
N PRO E 101 -11.42 -1.72 -11.92
CA PRO E 101 -12.32 -1.80 -10.76
C PRO E 101 -12.68 -3.25 -10.48
N GLN E 102 -12.64 -3.62 -9.20
CA GLN E 102 -12.81 -5.00 -8.80
C GLN E 102 -14.29 -5.36 -8.63
N LEU E 103 -14.99 -5.38 -9.77
CA LEU E 103 -16.40 -5.74 -9.86
C LEU E 103 -16.54 -6.97 -10.76
N ALA E 104 -17.42 -7.89 -10.38
CA ALA E 104 -17.77 -9.01 -11.24
C ALA E 104 -19.19 -8.81 -11.74
N ARG E 105 -19.55 -9.63 -12.72
CA ARG E 105 -20.88 -9.57 -13.29
C ARG E 105 -21.60 -10.83 -12.88
N VAL E 106 -22.80 -10.71 -12.32
CA VAL E 106 -23.59 -11.89 -11.98
C VAL E 106 -24.84 -11.93 -12.85
N VAL E 107 -25.13 -13.10 -13.44
CA VAL E 107 -26.26 -13.24 -14.34
C VAL E 107 -27.38 -13.94 -13.58
N SER E 108 -28.63 -13.75 -14.05
CA SER E 108 -29.81 -14.24 -13.37
C SER E 108 -29.81 -15.77 -13.19
N ASP E 109 -29.04 -16.48 -14.01
CA ASP E 109 -28.95 -17.93 -13.91
C ASP E 109 -27.92 -18.33 -12.86
N GLY E 110 -27.08 -17.39 -12.41
CA GLY E 110 -26.10 -17.67 -11.37
C GLY E 110 -24.67 -17.77 -11.91
N GLU E 111 -24.47 -17.48 -13.19
CA GLU E 111 -23.14 -17.41 -13.77
C GLU E 111 -22.46 -16.15 -13.26
N VAL E 112 -21.20 -16.28 -12.88
CA VAL E 112 -20.40 -15.13 -12.48
C VAL E 112 -19.25 -14.96 -13.46
N LEU E 113 -18.97 -13.71 -13.82
CA LEU E 113 -17.89 -13.39 -14.73
C LEU E 113 -17.03 -12.32 -14.07
N TYR E 114 -15.79 -12.68 -13.75
CA TYR E 114 -14.83 -11.75 -13.18
C TYR E 114 -13.66 -11.68 -14.17
N MET E 115 -13.35 -10.45 -14.62
CA MET E 115 -12.35 -10.26 -15.64
C MET E 115 -11.54 -9.01 -15.36
N PRO E 116 -10.60 -9.10 -14.38
CA PRO E 116 -9.68 -8.00 -14.09
C PRO E 116 -8.58 -7.94 -15.13
N SER E 117 -8.14 -6.72 -15.46
CA SER E 117 -6.93 -6.52 -16.23
C SER E 117 -5.79 -6.60 -15.23
N ILE E 118 -4.80 -7.47 -15.49
CA ILE E 118 -3.73 -7.70 -14.54
C ILE E 118 -2.39 -7.35 -15.18
N ARG E 119 -1.51 -6.73 -14.41
CA ARG E 119 -0.12 -6.60 -14.79
C ARG E 119 0.73 -7.39 -13.81
N GLN E 120 1.58 -8.29 -14.31
CA GLN E 120 2.30 -9.20 -13.45
C GLN E 120 3.58 -9.64 -14.14
N ARG E 121 4.59 -9.95 -13.32
CA ARG E 121 5.90 -10.33 -13.82
C ARG E 121 6.09 -11.82 -13.61
N PHE E 122 6.65 -12.51 -14.60
CA PHE E 122 6.78 -13.95 -14.57
C PHE E 122 8.20 -14.38 -14.86
N SER E 123 8.51 -15.58 -14.38
CA SER E 123 9.71 -16.32 -14.71
C SER E 123 9.33 -17.35 -15.75
N CYS E 124 9.81 -17.15 -17.00
CA CYS E 124 9.54 -18.09 -18.06
C CYS E 124 10.61 -17.98 -19.13
N ASP E 125 10.56 -18.89 -20.11
CA ASP E 125 11.58 -19.00 -21.15
C ASP E 125 11.47 -17.81 -22.10
N VAL E 126 12.49 -16.95 -22.09
CA VAL E 126 12.56 -15.83 -23.00
C VAL E 126 13.61 -16.09 -24.09
N SER E 127 14.26 -17.25 -24.06
CA SER E 127 15.25 -17.56 -25.07
C SER E 127 14.58 -17.49 -26.45
N GLY E 128 15.25 -16.82 -27.39
CA GLY E 128 14.80 -16.79 -28.78
C GLY E 128 13.80 -15.68 -29.07
N VAL E 129 13.64 -14.73 -28.15
CA VAL E 129 12.64 -13.68 -28.27
C VAL E 129 12.92 -12.79 -29.48
N ASP E 130 14.20 -12.71 -29.88
CA ASP E 130 14.62 -11.79 -30.93
C ASP E 130 14.87 -12.54 -32.24
N THR E 131 14.37 -13.77 -32.35
CA THR E 131 14.49 -14.56 -33.56
C THR E 131 13.13 -14.60 -34.27
N GLU E 132 13.09 -15.28 -35.42
CA GLU E 132 11.85 -15.41 -36.17
C GLU E 132 10.89 -16.36 -35.44
N SER E 133 11.44 -17.39 -34.77
CA SER E 133 10.63 -18.39 -34.08
C SER E 133 10.03 -17.81 -32.81
N GLY E 134 10.71 -16.79 -32.25
CA GLY E 134 10.24 -16.13 -31.06
C GLY E 134 10.49 -16.99 -29.82
N ALA E 135 10.09 -16.48 -28.65
CA ALA E 135 10.16 -17.21 -27.41
C ALA E 135 8.79 -17.80 -27.08
N THR E 136 8.78 -18.81 -26.22
CA THR E 136 7.54 -19.37 -25.71
C THR E 136 7.57 -19.29 -24.19
N CYS E 137 6.73 -18.43 -23.62
CA CYS E 137 6.63 -18.24 -22.19
C CYS E 137 5.39 -18.96 -21.68
N ARG E 138 5.59 -19.91 -20.75
CA ARG E 138 4.48 -20.70 -20.22
C ARG E 138 4.05 -20.16 -18.85
N ILE E 139 2.77 -19.79 -18.74
CA ILE E 139 2.18 -19.30 -17.50
C ILE E 139 1.17 -20.33 -16.98
N LYS E 140 1.41 -20.86 -15.77
CA LYS E 140 0.52 -21.81 -15.14
C LYS E 140 -0.36 -21.09 -14.10
N ILE E 141 -1.69 -21.25 -14.20
CA ILE E 141 -2.65 -20.61 -13.31
C ILE E 141 -3.65 -21.64 -12.82
N GLY E 142 -3.84 -21.71 -11.49
CA GLY E 142 -4.79 -22.63 -10.87
C GLY E 142 -5.12 -22.22 -9.44
N SER E 143 -6.00 -22.97 -8.76
CA SER E 143 -6.31 -22.71 -7.37
C SER E 143 -5.07 -22.90 -6.53
N TRP E 144 -4.91 -22.04 -5.50
CA TRP E 144 -3.79 -22.19 -4.60
C TRP E 144 -4.10 -23.22 -3.52
N THR E 145 -5.33 -23.24 -2.98
CA THR E 145 -5.66 -24.08 -1.83
C THR E 145 -6.76 -25.13 -2.08
N HIS E 146 -7.44 -25.11 -3.26
CA HIS E 146 -8.51 -26.06 -3.50
C HIS E 146 -8.10 -27.11 -4.54
N HIS E 147 -8.12 -28.37 -4.12
CA HIS E 147 -7.71 -29.47 -4.98
C HIS E 147 -8.83 -29.88 -5.96
N SER E 148 -8.55 -30.91 -6.77
CA SER E 148 -9.32 -31.30 -7.94
C SER E 148 -10.77 -31.67 -7.60
N ARG E 149 -11.01 -32.09 -6.36
CA ARG E 149 -12.35 -32.48 -5.92
C ARG E 149 -13.19 -31.26 -5.54
N GLU E 150 -12.55 -30.09 -5.37
CA GLU E 150 -13.21 -28.88 -4.91
C GLU E 150 -13.25 -27.83 -6.01
N ILE E 151 -12.14 -27.67 -6.73
CA ILE E 151 -12.10 -26.80 -7.91
C ILE E 151 -11.45 -27.55 -9.07
N SER E 152 -12.11 -27.48 -10.22
CA SER E 152 -11.55 -27.87 -11.50
C SER E 152 -11.41 -26.63 -12.35
N VAL E 153 -10.29 -26.51 -13.09
CA VAL E 153 -10.09 -25.40 -13.99
C VAL E 153 -10.00 -25.94 -15.41
N ASP E 154 -10.65 -25.24 -16.36
CA ASP E 154 -10.72 -25.65 -17.75
C ASP E 154 -10.46 -24.43 -18.62
N PRO E 155 -9.65 -24.52 -19.70
CA PRO E 155 -9.53 -23.43 -20.67
C PRO E 155 -10.84 -23.27 -21.47
N THR E 156 -11.36 -22.05 -21.50
CA THR E 156 -12.50 -21.73 -22.34
C THR E 156 -12.17 -22.09 -23.78
N THR E 157 -13.23 -22.39 -24.54
CA THR E 157 -13.10 -22.77 -25.94
C THR E 157 -13.72 -21.67 -26.80
N GLU E 158 -13.14 -20.46 -26.67
CA GLU E 158 -13.68 -19.26 -27.31
C GLU E 158 -12.84 -18.78 -28.50
N ASN E 159 -13.50 -18.07 -29.42
CA ASN E 159 -12.88 -17.09 -30.32
C ASN E 159 -11.75 -17.71 -31.13
N SER E 160 -10.53 -17.72 -30.57
CA SER E 160 -9.36 -18.25 -31.24
C SER E 160 -8.34 -17.16 -31.57
N ASP E 161 -8.75 -15.91 -31.80
CA ASP E 161 -7.83 -14.89 -32.29
C ASP E 161 -7.00 -14.31 -31.13
N ASP E 162 -5.67 -14.43 -31.24
CA ASP E 162 -4.77 -14.35 -30.08
C ASP E 162 -4.41 -12.89 -29.83
N SER E 163 -4.05 -12.20 -30.92
CA SER E 163 -3.63 -10.80 -30.87
C SER E 163 -4.84 -9.87 -30.94
N GLU E 164 -6.03 -10.34 -30.50
CA GLU E 164 -7.25 -9.65 -30.85
C GLU E 164 -7.32 -8.30 -30.12
N TYR E 165 -6.93 -8.31 -28.85
CA TYR E 165 -7.02 -7.13 -28.00
C TYR E 165 -5.63 -6.60 -27.66
N PHE E 166 -4.60 -7.13 -28.33
CA PHE E 166 -3.21 -6.84 -28.00
C PHE E 166 -2.80 -5.47 -28.56
N SER E 167 -2.00 -4.73 -27.80
CA SER E 167 -1.62 -3.38 -28.17
C SER E 167 -0.80 -3.43 -29.44
N GLN E 168 -1.18 -2.62 -30.43
CA GLN E 168 -0.39 -2.53 -31.64
C GLN E 168 0.89 -1.75 -31.35
N TYR E 169 0.97 -1.11 -30.18
CA TYR E 169 2.03 -0.16 -29.86
C TYR E 169 3.13 -0.81 -29.02
N SER E 170 2.94 -2.07 -28.62
CA SER E 170 3.98 -2.86 -28.00
C SER E 170 5.16 -3.04 -28.95
N ARG E 171 6.34 -3.29 -28.39
CA ARG E 171 7.53 -3.59 -29.17
C ARG E 171 7.50 -5.04 -29.64
N PHE E 172 6.58 -5.84 -29.08
CA PHE E 172 6.50 -7.25 -29.38
C PHE E 172 5.21 -7.55 -30.12
N GLU E 173 5.17 -8.75 -30.73
CA GLU E 173 3.98 -9.26 -31.39
C GLU E 173 3.76 -10.72 -30.96
N ILE E 174 2.51 -11.15 -31.06
CA ILE E 174 2.11 -12.49 -30.66
C ILE E 174 2.00 -13.35 -31.91
N LEU E 175 2.66 -14.51 -31.85
CA LEU E 175 2.63 -15.48 -32.93
C LEU E 175 1.51 -16.49 -32.68
N ASP E 176 1.43 -17.01 -31.45
CA ASP E 176 0.41 -17.97 -31.08
C ASP E 176 0.23 -18.04 -29.57
N VAL E 177 -1.00 -18.31 -29.13
CA VAL E 177 -1.32 -18.62 -27.75
C VAL E 177 -2.04 -19.96 -27.72
N THR E 178 -1.62 -20.87 -26.84
CA THR E 178 -2.32 -22.14 -26.67
C THR E 178 -2.53 -22.39 -25.18
N GLN E 179 -3.79 -22.66 -24.81
CA GLN E 179 -4.22 -22.84 -23.44
C GLN E 179 -4.59 -24.31 -23.26
N LYS E 180 -3.86 -25.04 -22.40
CA LYS E 180 -4.13 -26.45 -22.14
C LYS E 180 -4.25 -26.71 -20.64
N LYS E 181 -4.94 -27.80 -20.28
CA LYS E 181 -5.22 -28.16 -18.91
C LYS E 181 -4.07 -29.00 -18.36
N ASN E 182 -3.77 -28.84 -17.07
CA ASN E 182 -2.75 -29.64 -16.40
C ASN E 182 -3.18 -29.96 -14.98
N SER E 183 -2.31 -30.65 -14.24
CA SER E 183 -2.66 -31.18 -12.93
C SER E 183 -1.38 -31.52 -12.17
N VAL E 184 -1.02 -30.66 -11.20
CA VAL E 184 0.17 -30.79 -10.39
C VAL E 184 -0.21 -31.49 -9.08
N THR E 185 0.69 -32.35 -8.60
CA THR E 185 0.55 -33.02 -7.32
C THR E 185 1.82 -32.74 -6.54
N TYR E 186 1.73 -32.79 -5.20
CA TYR E 186 2.90 -32.55 -4.37
C TYR E 186 3.18 -33.82 -3.56
N SER E 187 4.47 -34.12 -3.38
CA SER E 187 4.90 -35.37 -2.77
C SER E 187 4.42 -35.48 -1.32
N CYS E 188 4.14 -34.34 -0.68
CA CYS E 188 3.59 -34.33 0.67
C CYS E 188 2.30 -35.16 0.77
N CYS E 189 1.47 -35.14 -0.29
CA CYS E 189 0.05 -35.38 -0.17
C CYS E 189 -0.49 -36.03 -1.44
N PRO E 190 -1.69 -36.67 -1.40
CA PRO E 190 -2.27 -37.30 -2.60
C PRO E 190 -3.16 -36.46 -3.52
N GLU E 191 -3.47 -35.22 -3.10
CA GLU E 191 -4.46 -34.41 -3.81
C GLU E 191 -3.79 -33.71 -5.00
N ALA E 192 -4.57 -33.49 -6.05
CA ALA E 192 -4.09 -32.84 -7.27
C ALA E 192 -4.69 -31.43 -7.42
N TYR E 193 -3.88 -30.48 -7.86
CA TYR E 193 -4.34 -29.11 -8.10
C TYR E 193 -4.38 -28.89 -9.60
N GLU E 194 -5.58 -28.64 -10.12
CA GLU E 194 -5.76 -28.42 -11.55
C GLU E 194 -5.30 -27.02 -11.89
N ASP E 195 -4.67 -26.87 -13.06
CA ASP E 195 -4.23 -25.58 -13.58
C ASP E 195 -4.48 -25.51 -15.08
N VAL E 196 -4.43 -24.28 -15.62
CA VAL E 196 -4.33 -24.03 -17.05
C VAL E 196 -2.92 -23.55 -17.38
N GLU E 197 -2.30 -24.12 -18.40
CA GLU E 197 -0.97 -23.72 -18.85
C GLU E 197 -1.14 -22.89 -20.12
N VAL E 198 -0.87 -21.58 -20.03
CA VAL E 198 -0.96 -20.70 -21.19
C VAL E 198 0.42 -20.53 -21.80
N SER E 199 0.58 -20.96 -23.06
CA SER E 199 1.84 -20.85 -23.77
C SER E 199 1.81 -19.61 -24.66
N LEU E 200 2.61 -18.61 -24.31
CA LEU E 200 2.67 -17.38 -25.08
C LEU E 200 3.88 -17.39 -26.00
N ASN E 201 3.64 -17.53 -27.31
CA ASN E 201 4.69 -17.51 -28.31
C ASN E 201 4.73 -16.08 -28.88
N PHE E 202 5.80 -15.35 -28.59
CA PHE E 202 5.91 -13.96 -29.01
C PHE E 202 7.33 -13.65 -29.46
N ARG E 203 7.53 -12.48 -30.06
CA ARG E 203 8.86 -12.07 -30.50
C ARG E 203 8.91 -10.56 -30.71
N LYS E 204 10.14 -10.02 -30.72
CA LYS E 204 10.36 -8.61 -30.99
C LYS E 204 9.94 -8.32 -32.42
N LYS E 205 9.31 -7.15 -32.64
CA LYS E 205 8.81 -6.80 -33.96
C LYS E 205 9.94 -6.53 -34.95
N GLY E 206 10.93 -5.71 -34.56
CA GLY E 206 12.12 -5.54 -35.38
C GLY E 206 11.86 -4.69 -36.61
N ARG E 207 12.76 -4.82 -37.60
CA ARG E 207 12.79 -4.09 -38.86
C ARG E 207 12.06 -2.73 -38.80
N SER E 208 10.77 -2.72 -39.14
CA SER E 208 9.96 -1.50 -39.14
C SER E 208 8.49 -1.85 -39.39
C4 A1LW0 F . 11.15 -8.82 21.02
C5 A1LW0 F . 10.14 -9.33 22.04
C6 A1LW0 F . 9.15 -8.21 22.08
C7 A1LW0 F . 10.19 -8.22 20.00
N1 A1LW0 F . 15.04 -8.77 20.58
N2 A1LW0 F . 14.80 -9.18 22.87
C3 A1LW0 F . 12.12 -9.86 20.53
N3 A1LW0 F . 15.82 -8.36 23.19
C1 A1LW0 F . 14.82 -9.02 19.16
C2 A1LW0 F . 14.35 -9.34 21.59
O1 A1LW0 F . 16.40 -7.72 22.28
O2 A1LW0 F . 16.17 -8.24 24.39
N4 A1LW0 F . 13.12 -9.89 21.56
O3 A1LW0 F . 9.16 -7.61 20.77
C1 NAG G . -20.36 -36.75 15.29
C2 NAG G . -20.07 -37.66 16.48
C3 NAG G . -20.76 -39.00 16.25
C4 NAG G . -22.25 -38.81 15.97
C5 NAG G . -22.48 -37.76 14.88
C6 NAG G . -23.93 -37.39 14.71
C7 NAG G . -18.02 -37.82 17.87
C8 NAG G . -17.08 -38.95 18.12
N2 NAG G . -18.64 -37.82 16.70
O3 NAG G . -20.52 -39.82 17.39
O4 NAG G . -22.82 -40.04 15.53
O5 NAG G . -21.76 -36.54 15.16
O6 NAG G . -24.37 -36.44 15.69
O7 NAG G . -18.20 -36.92 18.71
C4 A1LW0 H . 3.58 19.64 16.25
C5 A1LW0 H . 2.52 19.50 17.36
C6 A1LW0 H . 1.34 19.01 16.59
C7 A1LW0 H . 3.27 18.38 15.46
N1 A1LW0 H . 7.23 21.33 15.18
N2 A1LW0 H . 6.04 23.27 15.78
C3 A1LW0 H . 5.01 19.84 16.71
N3 A1LW0 H . 6.74 24.04 14.92
C1 A1LW0 H . 7.67 19.97 15.29
C2 A1LW0 H . 6.24 21.91 15.90
O1 A1LW0 H . 7.62 23.58 14.16
O2 A1LW0 H . 6.49 25.26 14.85
N4 A1LW0 H . 5.30 21.27 16.62
O3 A1LW0 H . 1.84 18.27 15.48
C1 NAG I . -4.36 -12.43 42.45
C2 NAG I . -4.25 -11.60 43.73
C3 NAG I . -3.90 -12.52 44.89
C4 NAG I . -4.99 -13.57 45.04
C5 NAG I . -5.14 -14.34 43.73
C6 NAG I . -6.33 -15.28 43.72
C7 NAG I . -3.67 -9.26 44.21
C8 NAG I . -2.53 -8.54 44.87
N2 NAG I . -3.38 -10.44 43.65
O3 NAG I . -3.70 -11.81 46.11
O4 NAG I . -4.64 -14.44 46.11
O5 NAG I . -5.35 -13.44 42.62
O6 NAG I . -5.98 -16.59 44.16
O7 NAG I . -4.81 -8.79 44.20
C4 A1LW0 J . -12.65 19.91 -7.96
C5 A1LW0 J . -14.18 19.80 -8.18
C6 A1LW0 J . -14.63 18.96 -7.06
C7 A1LW0 J . -12.35 18.72 -7.04
N1 A1LW0 J . -10.24 22.36 -9.31
N2 A1LW0 J . -12.25 22.88 -10.45
C3 A1LW0 J . -12.25 21.25 -7.38
N3 A1LW0 J . -11.70 22.74 -11.67
C1 A1LW0 J . -9.40 22.40 -8.14
C2 A1LW0 J . -11.57 22.58 -9.32
O1 A1LW0 J . -10.53 22.29 -11.74
O2 A1LW0 J . -12.38 23.03 -12.67
N4 A1LW0 J . -12.46 22.20 -8.44
O3 A1LW0 J . -13.58 18.03 -6.86
C1 NAG K . -16.66 24.57 33.61
C2 NAG K . -17.86 24.25 34.51
C3 NAG K . -18.47 25.55 34.97
C4 NAG K . -17.43 26.43 35.65
C5 NAG K . -16.24 26.64 34.71
C6 NAG K . -15.07 27.37 35.37
C7 NAG K . -19.27 23.46 32.64
C8 NAG K . -20.64 24.02 32.43
N2 NAG K . -18.86 23.39 33.91
O3 NAG K . -19.55 25.26 35.86
O4 NAG K . -18.03 27.68 35.95
O5 NAG K . -15.71 25.38 34.30
O6 NAG K . -15.49 28.42 36.24
O7 NAG K . -18.56 23.11 31.70
C4 A1LW0 L . -16.24 -7.66 -18.67
C5 A1LW0 L . -17.55 -7.79 -17.92
C6 A1LW0 L . -17.10 -8.09 -16.53
C7 A1LW0 L . -15.36 -7.05 -17.60
N1 A1LW0 L . -14.05 -7.31 -22.01
N2 A1LW0 L . -15.30 -9.32 -22.53
C3 A1LW0 L . -16.28 -6.87 -19.97
N3 A1LW0 L . -14.34 -9.93 -23.27
C1 A1LW0 L . -13.89 -5.98 -21.44
C2 A1LW0 L . -15.15 -8.09 -21.90
O1 A1LW0 L . -14.58 -11.04 -23.80
O2 A1LW0 L . -13.21 -9.46 -23.45
N4 A1LW0 L . -16.16 -7.86 -21.03
O3 A1LW0 L . -15.77 -7.63 -16.36
C1 NAG M . -39.06 21.51 -0.84
C2 NAG M . -39.96 22.40 0.03
C3 NAG M . -41.30 22.63 -0.65
C4 NAG M . -41.13 23.05 -2.11
C5 NAG M . -40.32 21.97 -2.84
C6 NAG M . -40.09 22.24 -4.32
C7 NAG M . -39.48 22.28 2.43
C8 NAG M . -39.73 23.68 2.92
N2 NAG M . -40.18 21.89 1.36
O3 NAG M . -42.01 23.62 0.10
O4 NAG M . -42.41 23.20 -2.73
O5 NAG M . -39.01 21.91 -2.22
O6 NAG M . -39.99 23.64 -4.61
O7 NAG M . -38.67 21.53 2.96
C4 A1LW0 N . -1.02 -25.42 -0.54
C5 A1LW0 N . -2.22 -26.14 0.12
C6 A1LW0 N . -2.57 -25.21 1.24
C7 A1LW0 N . -1.44 -23.96 -0.35
N1 A1LW0 N . 2.23 -26.91 -2.62
N2 A1LW0 N . 1.57 -28.55 -1.03
C3 A1LW0 N . -0.65 -25.89 -1.94
N3 A1LW0 N . 2.83 -28.98 -0.81
C1 A1LW0 N . 1.99 -25.84 -3.56
C2 A1LW0 N . 1.29 -27.52 -1.88
O1 A1LW0 N . 3.78 -28.46 -1.41
O2 A1LW0 N . 2.99 -29.91 0.01
N4 A1LW0 N . 0.03 -27.14 -1.66
O3 A1LW0 N . -2.00 -23.90 0.96
C1 NAG O . -40.71 -14.94 -13.73
C2 NAG O . -41.42 -16.22 -13.34
C3 NAG O . -42.69 -16.29 -14.18
C4 NAG O . -43.54 -15.03 -14.03
C5 NAG O . -42.75 -13.72 -13.88
C6 NAG O . -43.54 -12.73 -13.03
C7 NAG O . -40.72 -18.45 -12.56
C8 NAG O . -39.82 -19.63 -12.80
N2 NAG O . -40.57 -17.39 -13.37
O3 NAG O . -43.42 -17.42 -13.74
O4 NAG O . -44.32 -14.85 -15.21
O5 NAG O . -41.46 -13.85 -13.24
O6 NAG O . -43.45 -13.04 -11.63
O7 NAG O . -41.56 -18.48 -11.66
#